data_8TWY
#
_entry.id   8TWY
#
_cell.length_a   59.130
_cell.length_b   135.410
_cell.length_c   143.710
_cell.angle_alpha   90.00
_cell.angle_beta   90.00
_cell.angle_gamma   90.00
#
_symmetry.space_group_name_H-M   'P 21 21 21'
#
loop_
_entity.id
_entity.type
_entity.pdbx_description
1 polymer 'Phosphatidylinositol 4,5-bisphosphate 3-kinase catalytic subunit alpha isoform'
2 non-polymer 1-(4-{[2-(4-{(4P)-4-[2-amino-4-(difluoromethyl)pyrimidin-5-yl]-6-[(3S)-3-methylmorpholin-4-yl]-1,3,5-triazin-2-yl}piperazin-1-yl)-2-oxoethoxy]methyl}piperidin-1-yl)prop-2-en-1-one
#
_entity_poly.entity_id   1
_entity_poly.type   'polypeptide(L)'
_entity_poly.pdbx_seq_one_letter_code
;MVGNREEKILNREIGFAIGMPVCEFDMVKDPEVQDFRRNILNVCKEAVDLRDLNSPHSRAMYVYPPNVESSPELPKHIYN
KLDKGQIIVVIWVIVSPNNDKQKYTLKINHDCVPEQVIAEAIRKKTRSMLLSSEQLKLCVLEYQGKYILKVCGCDEYFLE
KYPLSQYKYIRSCIMLGRMPNLMLMAKESLYSQLPMDCFTMPSYSRRISTATPYMNGETSTKSLWVINSALRIKILCATY
VNVNIRDIDKIYVRTGIYHGGEPLCDNVNTQRVPCSNPRWNEWLNYDIYIPDLPRAARLCLSICSVKGRKGAKEEHCPLA
WGNINLFDYTDTLVSGKMALNLWPVPHGLEDLLNPIGVTGSNPNKETPCLELEFDWFSSVVKFPDMSVIEEHANWSVSRE
AGFSYSHAGLSNRLARDNELRENDKEQLKAISTRDPLSEITEQEKDFLWSHRHYCVTIPEILPKLLLSVKWNSRDEVAQM
YCLVKDWPPIKPEQAMELLDCNYPDPMVRGFAVRCLEKYLTDDKLSQYLIQLVQVLKYEQYLDNLLVRFLLKKALTNQRI
GHFFFWHLKSEMHNKTVSQRFGLLLESYCRACGMYLKHLNRQVEAMEKLINLTDILKQEKKDETQKVQMKFLVEQMRRPD
FMDALQGFLSPLNPAHQLGNLRLEECRIMSSAKRPLWLNWENPDIMSELLFQNNEIIFKNGDDLRQDMLTLQIIRIMENI
WQNQGLDLRMLPYGCLSIGDCVGLIEVVRNSHTIMQIQCKGGLKGALQFNSHTLHQWLKDKNKGEIYDAAIDLFTRSCAG
YCVATFILGIGDRHNSNIMVKDDGQLFHIDFGHFLDHKKKKFGYKRERVPFVLTQDFLIVISKGAQECTKTREFERFQEM
CYKAYLAIRQHANLFINLFSMMLGSGMPELQSFDDIAYIRKTLALDKTEQEALEYFMKQMNDAHH
;
_entity_poly.pdbx_strand_id   A
#
loop_
_chem_comp.id
_chem_comp.type
_chem_comp.name
_chem_comp.formula
RNX non-polymer 1-(4-{[2-(4-{(4P)-4-[2-amino-4-(difluoromethyl)pyrimidin-5-yl]-6-[(3S)-3-methylmorpholin-4-yl]-1,3,5-triazin-2-yl}piperazin-1-yl)-2-oxoethoxy]methyl}piperidin-1-yl)prop-2-en-1-one 'C28 H38 F2 N10 O4'
#
# COMPACT_ATOMS: atom_id res chain seq x y z
N ASN A 4 31.53 -8.80 21.35
CA ASN A 4 30.19 -8.42 20.93
C ASN A 4 30.14 -6.96 20.50
N ARG A 5 31.09 -6.57 19.64
CA ARG A 5 31.17 -5.18 19.19
C ARG A 5 30.37 -4.96 17.91
N GLU A 6 30.58 -5.80 16.90
CA GLU A 6 29.78 -5.69 15.68
C GLU A 6 28.29 -5.71 16.01
N GLU A 7 27.90 -6.55 16.98
CA GLU A 7 26.50 -6.58 17.42
C GLU A 7 26.07 -5.24 17.98
N LYS A 8 26.93 -4.59 18.77
CA LYS A 8 26.55 -3.30 19.35
C LYS A 8 26.40 -2.23 18.28
N ILE A 9 27.29 -2.20 17.29
CA ILE A 9 27.16 -1.23 16.21
C ILE A 9 25.87 -1.48 15.42
N LEU A 10 25.60 -2.74 15.10
CA LEU A 10 24.38 -3.07 14.37
C LEU A 10 23.15 -2.66 15.17
N ASN A 11 23.19 -2.81 16.49
CA ASN A 11 22.04 -2.44 17.31
C ASN A 11 21.84 -0.93 17.33
N ARG A 12 22.94 -0.16 17.42
CA ARG A 12 22.83 1.29 17.32
C ARG A 12 22.18 1.67 16.00
N GLU A 13 22.63 1.06 14.90
CA GLU A 13 22.11 1.43 13.59
C GLU A 13 20.64 1.04 13.45
N ILE A 14 20.25 -0.14 13.92
CA ILE A 14 18.85 -0.52 13.85
C ILE A 14 18.00 0.40 14.71
N GLY A 15 18.52 0.80 15.87
CA GLY A 15 17.77 1.72 16.70
C GLY A 15 17.55 3.06 16.02
N PHE A 16 18.59 3.59 15.38
CA PHE A 16 18.41 4.84 14.65
C PHE A 16 17.39 4.66 13.53
N ALA A 17 17.47 3.55 12.79
CA ALA A 17 16.56 3.35 11.66
C ALA A 17 15.12 3.20 12.13
N ILE A 18 14.89 2.45 13.21
CA ILE A 18 13.54 2.16 13.65
C ILE A 18 12.94 3.33 14.44
N GLY A 19 13.78 4.15 15.06
CA GLY A 19 13.28 5.16 15.96
C GLY A 19 13.44 4.75 17.41
N MET A 20 13.07 3.46 17.75
CA MET A 20 13.25 3.03 19.13
C MET A 20 14.48 2.14 19.28
N PRO A 21 15.07 2.10 20.47
CA PRO A 21 16.26 1.26 20.68
C PRO A 21 15.91 -0.22 20.80
N VAL A 22 16.83 -1.05 20.32
CA VAL A 22 16.59 -2.50 20.29
C VAL A 22 16.43 -3.05 21.70
N CYS A 23 17.13 -2.46 22.67
CA CYS A 23 17.05 -2.98 24.04
C CYS A 23 15.67 -2.82 24.65
N GLU A 24 14.82 -1.95 24.09
CA GLU A 24 13.44 -1.91 24.54
C GLU A 24 12.76 -3.26 24.31
N PHE A 25 12.98 -3.85 23.12
CA PHE A 25 12.40 -5.15 22.84
C PHE A 25 12.86 -6.18 23.86
N ASP A 26 14.15 -6.16 24.22
CA ASP A 26 14.67 -7.15 25.16
C ASP A 26 13.93 -7.10 26.49
N MET A 27 13.57 -5.90 26.94
CA MET A 27 12.89 -5.72 28.21
C MET A 27 11.43 -6.14 28.18
N VAL A 28 10.92 -6.55 27.03
CA VAL A 28 9.52 -6.99 26.90
C VAL A 28 9.45 -8.42 27.42
N LYS A 29 8.93 -8.59 28.64
CA LYS A 29 8.81 -9.92 29.22
C LYS A 29 7.54 -10.61 28.72
N ASP A 30 7.29 -10.54 27.42
CA ASP A 30 6.13 -11.19 26.80
C ASP A 30 6.61 -12.39 26.00
N PRO A 31 6.16 -13.60 26.34
CA PRO A 31 6.61 -14.78 25.59
C PRO A 31 6.37 -14.68 24.10
N GLU A 32 5.24 -14.11 23.69
CA GLU A 32 4.98 -14.00 22.25
C GLU A 32 6.00 -13.10 21.58
N VAL A 33 6.47 -12.07 22.27
CA VAL A 33 7.41 -11.13 21.65
C VAL A 33 8.76 -11.81 21.44
N GLN A 34 9.33 -12.39 22.50
CA GLN A 34 10.62 -13.04 22.35
C GLN A 34 10.54 -14.22 21.40
N ASP A 35 9.42 -14.95 21.41
CA ASP A 35 9.24 -16.04 20.47
C ASP A 35 9.16 -15.54 19.04
N PHE A 36 8.48 -14.42 18.80
CA PHE A 36 8.49 -13.84 17.46
C PHE A 36 9.91 -13.43 17.04
N ARG A 37 10.59 -12.69 17.92
CA ARG A 37 11.93 -12.24 17.60
C ARG A 37 12.83 -13.41 17.22
N ARG A 38 12.75 -14.52 17.95
CA ARG A 38 13.61 -15.66 17.65
C ARG A 38 13.14 -16.39 16.39
N ASN A 39 11.84 -16.65 16.27
CA ASN A 39 11.34 -17.49 15.19
C ASN A 39 11.39 -16.80 13.82
N ILE A 40 11.39 -15.47 13.77
CA ILE A 40 11.43 -14.81 12.46
C ILE A 40 12.82 -14.92 11.83
N LEU A 41 13.84 -15.26 12.61
CA LEU A 41 15.17 -15.40 12.04
C LEU A 41 15.22 -16.53 11.04
N ASN A 42 14.29 -17.49 11.12
CA ASN A 42 14.23 -18.53 10.11
C ASN A 42 13.98 -17.94 8.72
N VAL A 43 13.05 -16.98 8.64
CA VAL A 43 12.78 -16.31 7.37
C VAL A 43 13.98 -15.47 6.96
N CYS A 44 14.56 -14.76 7.91
CA CYS A 44 15.78 -14.01 7.63
C CYS A 44 16.83 -14.90 6.97
N LYS A 45 17.06 -16.08 7.55
CA LYS A 45 18.12 -16.97 7.05
C LYS A 45 17.75 -17.55 5.69
N GLU A 46 16.50 -17.97 5.50
CA GLU A 46 16.08 -18.40 4.17
C GLU A 46 16.40 -17.33 3.13
N ALA A 47 16.03 -16.08 3.41
CA ALA A 47 16.26 -15.02 2.45
C ALA A 47 17.75 -14.80 2.21
N VAL A 48 18.55 -14.77 3.27
CA VAL A 48 19.98 -14.59 3.07
C VAL A 48 20.54 -15.70 2.19
N ASP A 49 20.17 -16.95 2.49
CA ASP A 49 20.68 -18.08 1.73
C ASP A 49 20.27 -18.00 0.26
N LEU A 50 19.06 -17.51 -0.01
CA LEU A 50 18.66 -17.28 -1.39
C LEU A 50 19.48 -16.16 -2.02
N ARG A 51 19.93 -15.19 -1.23
CA ARG A 51 20.74 -14.10 -1.77
C ARG A 51 22.13 -14.59 -2.17
N ASP A 52 22.82 -15.26 -1.25
CA ASP A 52 24.14 -15.85 -1.54
C ASP A 52 24.04 -17.17 -2.28
N LEU A 53 22.94 -17.45 -2.99
CA LEU A 53 22.75 -18.79 -3.54
C LEU A 53 23.59 -18.99 -4.78
N ASN A 54 23.67 -17.96 -5.62
CA ASN A 54 24.32 -18.02 -6.91
C ASN A 54 25.35 -16.90 -6.99
N SER A 55 26.34 -16.96 -6.09
CA SER A 55 27.57 -16.22 -6.29
C SER A 55 27.23 -14.73 -6.41
N PRO A 56 27.83 -13.92 -7.29
CA PRO A 56 27.45 -12.48 -7.29
C PRO A 56 26.09 -12.21 -7.89
N HIS A 57 25.71 -12.89 -8.98
CA HIS A 57 24.51 -12.56 -9.71
C HIS A 57 23.27 -12.56 -8.82
N SER A 58 23.14 -13.55 -7.94
CA SER A 58 21.97 -13.59 -7.05
C SER A 58 21.90 -12.34 -6.20
N ARG A 59 23.02 -11.90 -5.65
CA ARG A 59 23.04 -10.67 -4.85
C ARG A 59 22.75 -9.45 -5.72
N ALA A 60 23.36 -9.39 -6.91
CA ALA A 60 23.16 -8.23 -7.77
C ALA A 60 21.71 -8.10 -8.20
N MET A 61 20.99 -9.21 -8.29
CA MET A 61 19.57 -9.13 -8.59
C MET A 61 18.71 -8.93 -7.35
N TYR A 62 19.22 -9.30 -6.19
CA TYR A 62 18.56 -8.90 -4.96
C TYR A 62 18.61 -7.37 -4.79
N VAL A 63 19.76 -6.77 -5.09
CA VAL A 63 19.94 -5.35 -4.88
C VAL A 63 19.36 -4.54 -6.06
N TYR A 64 19.41 -5.09 -7.27
CA TYR A 64 19.01 -4.38 -8.48
C TYR A 64 18.01 -5.20 -9.29
N PRO A 65 16.86 -5.52 -8.70
CA PRO A 65 15.90 -6.39 -9.38
C PRO A 65 15.44 -5.80 -10.71
N PRO A 66 14.90 -6.62 -11.59
CA PRO A 66 14.37 -6.10 -12.86
C PRO A 66 13.04 -5.40 -12.63
N ASN A 67 12.91 -4.18 -13.18
CA ASN A 67 11.66 -3.42 -13.16
C ASN A 67 10.91 -3.72 -14.45
N VAL A 68 10.03 -4.73 -14.41
CA VAL A 68 9.40 -5.27 -15.59
C VAL A 68 7.91 -5.43 -15.36
N GLU A 69 7.15 -5.44 -16.46
CA GLU A 69 5.72 -5.74 -16.41
C GLU A 69 5.50 -7.24 -16.23
N SER A 70 4.34 -7.60 -15.66
CA SER A 70 4.09 -9.00 -15.36
C SER A 70 3.93 -9.84 -16.62
N SER A 71 3.43 -9.24 -17.70
CA SER A 71 3.21 -9.98 -18.93
C SER A 71 4.12 -9.46 -20.02
N PRO A 72 4.80 -10.35 -20.75
CA PRO A 72 5.63 -9.90 -21.88
C PRO A 72 4.81 -9.49 -23.09
N GLU A 73 3.51 -9.78 -23.11
CA GLU A 73 2.69 -9.46 -24.27
C GLU A 73 2.41 -7.97 -24.36
N LEU A 74 2.38 -7.46 -25.59
CA LEU A 74 2.18 -6.03 -25.85
C LEU A 74 0.75 -5.76 -26.27
N PRO A 75 0.08 -4.78 -25.66
CA PRO A 75 -1.22 -4.35 -26.20
C PRO A 75 -1.10 -3.93 -27.66
N LYS A 76 -2.18 -4.15 -28.40
CA LYS A 76 -2.18 -3.88 -29.83
C LYS A 76 -1.62 -2.49 -30.14
N HIS A 77 -2.10 -1.47 -29.42
CA HIS A 77 -1.67 -0.11 -29.70
C HIS A 77 -0.22 0.13 -29.30
N ILE A 78 0.29 -0.60 -28.30
CA ILE A 78 1.69 -0.45 -27.93
C ILE A 78 2.58 -1.11 -28.99
N TYR A 79 2.15 -2.26 -29.51
CA TYR A 79 2.92 -2.93 -30.55
C TYR A 79 2.92 -2.12 -31.85
N ASN A 80 1.78 -1.51 -32.18
CA ASN A 80 1.70 -0.73 -33.40
C ASN A 80 2.70 0.42 -33.41
N LYS A 81 3.00 0.99 -32.24
CA LYS A 81 3.99 2.06 -32.15
C LYS A 81 5.40 1.59 -32.46
N LEU A 82 5.60 0.29 -32.64
CA LEU A 82 6.91 -0.25 -33.01
C LEU A 82 7.10 -0.18 -34.51
N ASP A 83 8.37 -0.19 -34.93
CA ASP A 83 8.74 -0.18 -36.34
C ASP A 83 8.78 -1.62 -36.84
N LYS A 84 7.63 -2.11 -37.31
CA LYS A 84 7.50 -3.51 -37.73
C LYS A 84 7.91 -4.45 -36.60
N GLY A 85 7.46 -4.15 -35.39
CA GLY A 85 7.78 -4.96 -34.23
C GLY A 85 9.13 -4.70 -33.60
N GLN A 86 9.88 -3.71 -34.08
CA GLN A 86 11.21 -3.43 -33.56
C GLN A 86 11.25 -2.08 -32.86
N ILE A 87 12.30 -1.90 -32.06
CA ILE A 87 12.50 -0.69 -31.29
C ILE A 87 13.89 -0.15 -31.60
N ILE A 88 14.00 1.18 -31.59
CA ILE A 88 15.29 1.85 -31.72
C ILE A 88 15.79 2.21 -30.33
N VAL A 89 17.07 1.96 -30.09
CA VAL A 89 17.66 2.05 -28.76
C VAL A 89 19.07 2.62 -28.90
N VAL A 90 19.46 3.44 -27.92
CA VAL A 90 20.80 4.01 -27.89
C VAL A 90 21.54 3.39 -26.72
N ILE A 91 22.67 2.75 -27.01
CA ILE A 91 23.51 2.13 -25.99
C ILE A 91 24.77 2.98 -25.86
N TRP A 92 25.08 3.37 -24.64
CA TRP A 92 26.19 4.26 -24.33
C TRP A 92 27.35 3.49 -23.72
N VAL A 93 28.57 3.91 -24.05
CA VAL A 93 29.79 3.33 -23.49
C VAL A 93 30.70 4.46 -23.03
N ILE A 94 31.25 4.33 -21.83
CA ILE A 94 32.27 5.22 -21.32
C ILE A 94 33.62 4.59 -21.59
N VAL A 95 34.51 5.32 -22.25
CA VAL A 95 35.73 4.68 -22.76
C VAL A 95 36.96 5.10 -21.96
N SER A 96 37.55 6.23 -22.33
CA SER A 96 38.80 6.65 -21.72
C SER A 96 38.56 7.07 -20.28
N PRO A 97 39.64 7.18 -19.47
CA PRO A 97 39.48 7.71 -18.11
C PRO A 97 38.86 9.10 -18.07
N ASN A 98 38.93 9.86 -19.17
CA ASN A 98 38.23 11.13 -19.30
C ASN A 98 36.72 10.95 -19.37
N ASN A 99 36.22 9.71 -19.32
CA ASN A 99 34.79 9.44 -19.32
C ASN A 99 34.10 9.99 -20.56
N ASP A 100 34.77 9.84 -21.71
CA ASP A 100 34.16 10.19 -22.98
C ASP A 100 32.99 9.24 -23.27
N LYS A 101 31.81 9.79 -23.44
CA LYS A 101 30.61 9.00 -23.71
C LYS A 101 30.45 8.82 -25.22
N GLN A 102 30.38 7.57 -25.68
CA GLN A 102 30.18 7.25 -27.08
C GLN A 102 28.89 6.46 -27.23
N LYS A 103 28.04 6.89 -28.15
CA LYS A 103 26.73 6.29 -28.32
C LYS A 103 26.69 5.44 -29.59
N TYR A 104 25.95 4.33 -29.52
CA TYR A 104 25.73 3.45 -30.65
C TYR A 104 24.24 3.17 -30.72
N THR A 105 23.64 3.48 -31.86
CA THR A 105 22.21 3.34 -32.04
C THR A 105 21.92 2.04 -32.74
N LEU A 106 20.87 1.35 -32.29
CA LEU A 106 20.50 0.04 -32.80
C LEU A 106 19.01 0.01 -33.07
N LYS A 107 18.62 -0.80 -34.07
CA LYS A 107 17.22 -1.13 -34.32
C LYS A 107 17.10 -2.64 -34.15
N ILE A 108 16.44 -3.07 -33.08
CA ILE A 108 16.43 -4.48 -32.74
C ILE A 108 15.00 -4.90 -32.38
N ASN A 109 14.76 -6.21 -32.49
CA ASN A 109 13.46 -6.75 -32.09
C ASN A 109 13.15 -6.35 -30.65
N HIS A 110 11.90 -5.98 -30.39
CA HIS A 110 11.53 -5.55 -29.05
C HIS A 110 11.66 -6.66 -28.02
N ASP A 111 11.56 -7.92 -28.44
CA ASP A 111 11.59 -9.06 -27.54
C ASP A 111 13.00 -9.61 -27.32
N CYS A 112 14.03 -8.89 -27.72
CA CYS A 112 15.39 -9.35 -27.51
C CYS A 112 15.73 -9.35 -26.03
N VAL A 113 16.68 -10.22 -25.67
CA VAL A 113 17.17 -10.36 -24.30
C VAL A 113 18.33 -9.38 -24.12
N PRO A 114 18.56 -8.88 -22.90
CA PRO A 114 19.70 -7.98 -22.71
C PRO A 114 21.01 -8.53 -23.25
N GLU A 115 21.22 -9.84 -23.17
CA GLU A 115 22.43 -10.42 -23.74
C GLU A 115 22.50 -10.19 -25.25
N GLN A 116 21.38 -10.35 -25.96
CA GLN A 116 21.38 -10.12 -27.39
C GLN A 116 21.60 -8.65 -27.72
N VAL A 117 21.02 -7.75 -26.90
CA VAL A 117 21.24 -6.33 -27.10
C VAL A 117 22.72 -5.99 -26.94
N ILE A 118 23.36 -6.55 -25.90
CA ILE A 118 24.78 -6.28 -25.69
C ILE A 118 25.60 -6.81 -26.86
N ALA A 119 25.28 -8.01 -27.33
CA ALA A 119 26.01 -8.56 -28.47
C ALA A 119 25.90 -7.64 -29.68
N GLU A 120 24.67 -7.22 -30.00
CA GLU A 120 24.49 -6.35 -31.15
C GLU A 120 25.17 -5.00 -30.96
N ALA A 121 25.24 -4.54 -29.72
CA ALA A 121 25.91 -3.27 -29.44
C ALA A 121 27.41 -3.38 -29.66
N ILE A 122 28.02 -4.48 -29.20
CA ILE A 122 29.45 -4.67 -29.42
C ILE A 122 29.74 -4.88 -30.90
N ARG A 123 28.84 -5.57 -31.62
CA ARG A 123 29.00 -5.73 -33.06
C ARG A 123 28.99 -4.37 -33.75
N LYS A 124 27.99 -3.53 -33.46
CA LYS A 124 27.92 -2.21 -34.06
C LYS A 124 29.12 -1.35 -33.64
N LYS A 125 29.70 -1.63 -32.47
CA LYS A 125 30.80 -0.82 -31.96
C LYS A 125 32.11 -1.18 -32.64
N THR A 126 32.36 -2.47 -32.88
CA THR A 126 33.63 -2.89 -33.46
C THR A 126 33.72 -2.60 -34.95
N ARG A 127 32.61 -2.35 -35.64
CA ARG A 127 32.65 -2.03 -37.06
C ARG A 127 33.28 -0.66 -37.27
N SER A 128 34.47 -0.44 -36.72
CA SER A 128 35.14 0.85 -36.82
C SER A 128 36.62 0.71 -36.49
N GLN A 144 32.95 -11.03 -25.18
CA GLN A 144 32.10 -12.10 -24.67
C GLN A 144 30.99 -11.54 -23.78
N GLY A 145 30.37 -12.42 -23.00
CA GLY A 145 29.27 -12.04 -22.12
C GLY A 145 29.71 -11.46 -20.79
N LYS A 146 30.51 -10.40 -20.81
CA LYS A 146 31.09 -9.82 -19.61
C LYS A 146 30.51 -8.44 -19.30
N TYR A 147 29.33 -8.13 -19.82
CA TYR A 147 28.72 -6.82 -19.65
C TYR A 147 27.27 -6.96 -19.20
N ILE A 148 26.72 -5.84 -18.76
CA ILE A 148 25.32 -5.72 -18.37
C ILE A 148 24.83 -4.33 -18.77
N LEU A 149 23.52 -4.19 -18.83
CA LEU A 149 22.90 -2.95 -19.27
C LEU A 149 22.35 -2.18 -18.08
N LYS A 150 22.66 -0.89 -18.04
CA LYS A 150 22.14 0.03 -17.05
C LYS A 150 21.23 1.03 -17.77
N VAL A 151 20.25 1.56 -17.04
CA VAL A 151 19.47 2.68 -17.55
C VAL A 151 20.28 3.94 -17.35
N CYS A 152 20.41 4.74 -18.41
CA CYS A 152 21.15 6.00 -18.29
C CYS A 152 20.45 6.94 -17.32
N GLY A 153 21.17 7.39 -16.29
CA GLY A 153 20.66 8.40 -15.40
C GLY A 153 20.11 7.90 -14.08
N CYS A 154 20.08 6.60 -13.84
CA CYS A 154 19.64 6.08 -12.54
C CYS A 154 20.20 4.68 -12.34
N ASP A 155 20.07 4.20 -11.09
CA ASP A 155 20.58 2.88 -10.71
C ASP A 155 19.51 1.82 -10.93
N GLU A 156 19.24 1.58 -12.22
CA GLU A 156 18.34 0.53 -12.68
C GLU A 156 19.07 -0.31 -13.69
N TYR A 157 19.12 -1.62 -13.46
CA TYR A 157 19.86 -2.50 -14.34
C TYR A 157 18.91 -3.48 -15.01
N PHE A 158 19.36 -4.03 -16.14
CA PHE A 158 18.67 -5.08 -16.87
C PHE A 158 19.52 -6.33 -16.68
N LEU A 159 19.40 -6.94 -15.51
CA LEU A 159 20.25 -8.07 -15.18
C LEU A 159 19.65 -9.41 -15.58
N GLU A 160 18.33 -9.48 -15.79
CA GLU A 160 17.66 -10.72 -16.12
C GLU A 160 17.39 -10.83 -17.62
N LYS A 161 17.21 -12.08 -18.08
CA LYS A 161 16.98 -12.38 -19.49
C LYS A 161 15.54 -12.13 -19.93
N TYR A 162 14.89 -11.09 -19.41
CA TYR A 162 13.57 -10.70 -19.90
C TYR A 162 13.66 -10.12 -21.31
N PRO A 163 12.60 -10.23 -22.10
CA PRO A 163 12.51 -9.45 -23.33
C PRO A 163 12.55 -7.97 -23.01
N LEU A 164 13.35 -7.23 -23.81
CA LEU A 164 13.58 -5.81 -23.52
C LEU A 164 12.27 -5.06 -23.29
N SER A 165 11.31 -5.22 -24.21
CA SER A 165 10.04 -4.51 -24.10
C SER A 165 9.30 -4.79 -22.79
N GLN A 166 9.65 -5.84 -22.06
CA GLN A 166 8.94 -6.13 -20.81
C GLN A 166 9.48 -5.32 -19.65
N TYR A 167 10.67 -4.73 -19.77
CA TYR A 167 11.18 -3.83 -18.75
C TYR A 167 10.34 -2.55 -18.72
N LYS A 168 9.88 -2.17 -17.53
CA LYS A 168 8.96 -1.04 -17.44
C LYS A 168 9.52 0.20 -18.13
N TYR A 169 10.82 0.43 -17.99
CA TYR A 169 11.44 1.59 -18.63
C TYR A 169 11.30 1.52 -20.14
N ILE A 170 11.54 0.35 -20.73
CA ILE A 170 11.48 0.23 -22.18
C ILE A 170 10.04 0.39 -22.68
N ARG A 171 9.09 -0.28 -22.02
CA ARG A 171 7.70 -0.14 -22.44
C ARG A 171 7.25 1.30 -22.28
N SER A 172 7.73 1.98 -21.23
CA SER A 172 7.43 3.39 -21.07
C SER A 172 8.01 4.21 -22.22
N CYS A 173 9.24 3.92 -22.61
CA CYS A 173 9.84 4.61 -23.76
C CYS A 173 9.05 4.34 -25.02
N ILE A 174 8.45 3.16 -25.14
CA ILE A 174 7.70 2.84 -26.35
C ILE A 174 6.35 3.54 -26.36
N MET A 175 5.75 3.71 -25.17
CA MET A 175 4.46 4.39 -25.09
C MET A 175 4.60 5.90 -25.21
N LEU A 176 5.65 6.47 -24.63
CA LEU A 176 5.87 7.92 -24.63
C LEU A 176 6.60 8.43 -25.86
N GLY A 177 6.92 7.55 -26.81
CA GLY A 177 7.69 7.96 -27.96
C GLY A 177 9.12 8.36 -27.69
N ARG A 178 9.54 8.44 -26.43
CA ARG A 178 10.93 8.73 -26.12
C ARG A 178 11.81 7.57 -26.59
N MET A 179 13.13 7.81 -26.62
CA MET A 179 14.07 6.80 -27.09
C MET A 179 14.91 6.27 -25.96
N PRO A 180 14.98 4.96 -25.76
CA PRO A 180 15.73 4.40 -24.62
C PRO A 180 17.22 4.68 -24.76
N ASN A 181 17.84 5.10 -23.67
CA ASN A 181 19.28 5.34 -23.61
C ASN A 181 19.86 4.48 -22.50
N LEU A 182 20.48 3.37 -22.89
CA LEU A 182 21.10 2.45 -21.96
C LEU A 182 22.63 2.61 -22.01
N MET A 183 23.26 2.24 -20.90
CA MET A 183 24.72 2.29 -20.79
C MET A 183 25.26 0.88 -20.58
N LEU A 184 26.30 0.54 -21.34
CA LEU A 184 26.95 -0.75 -21.23
C LEU A 184 27.99 -0.70 -20.12
N MET A 185 27.99 -1.70 -19.24
CA MET A 185 28.81 -1.66 -18.04
C MET A 185 29.41 -3.03 -17.75
N ALA A 186 30.72 -3.09 -17.53
CA ALA A 186 31.36 -4.36 -17.21
C ALA A 186 30.75 -4.98 -15.95
N LYS A 187 30.29 -6.23 -16.06
CA LYS A 187 29.68 -6.90 -14.91
C LYS A 187 30.57 -6.81 -13.67
N GLU A 188 31.89 -6.91 -13.86
CA GLU A 188 32.78 -6.88 -12.71
C GLU A 188 32.74 -5.54 -12.00
N SER A 189 32.52 -4.45 -12.75
CA SER A 189 32.42 -3.13 -12.12
C SER A 189 31.22 -3.06 -11.17
N LEU A 190 30.11 -3.66 -11.57
CA LEU A 190 28.93 -3.66 -10.72
C LEU A 190 29.11 -4.63 -9.54
N TYR A 191 29.64 -5.83 -9.80
CA TYR A 191 29.81 -6.81 -8.74
C TYR A 191 30.82 -6.34 -7.69
N SER A 192 31.85 -5.61 -8.13
CA SER A 192 32.80 -5.06 -7.17
C SER A 192 32.13 -4.07 -6.22
N GLN A 193 31.03 -3.45 -6.65
CA GLN A 193 30.31 -2.51 -5.80
C GLN A 193 29.32 -3.20 -4.86
N LEU A 194 29.27 -4.54 -4.85
CA LEU A 194 28.34 -5.26 -3.99
C LEU A 194 29.05 -5.70 -2.72
N PRO A 195 28.62 -5.24 -1.55
CA PRO A 195 29.31 -5.62 -0.31
C PRO A 195 29.16 -7.11 -0.05
N MET A 196 30.14 -7.66 0.66
CA MET A 196 30.07 -9.04 1.13
C MET A 196 29.18 -9.04 2.38
N ASP A 197 27.87 -9.05 2.13
CA ASP A 197 26.90 -9.00 3.22
C ASP A 197 27.12 -10.15 4.18
N CYS A 198 27.21 -9.82 5.47
CA CYS A 198 27.34 -10.81 6.54
C CYS A 198 26.19 -10.57 7.50
N PHE A 199 25.09 -11.30 7.30
CA PHE A 199 24.02 -11.30 8.28
C PHE A 199 24.48 -12.12 9.49
N THR A 200 24.58 -11.46 10.64
CA THR A 200 25.00 -12.12 11.86
C THR A 200 23.76 -12.49 12.67
N MET A 201 23.78 -13.67 13.26
CA MET A 201 22.67 -14.12 14.11
C MET A 201 22.66 -13.33 15.41
N PRO A 202 21.51 -12.83 15.85
CA PRO A 202 21.48 -11.95 17.03
C PRO A 202 21.78 -12.73 18.31
N SER A 203 22.05 -11.98 19.38
CA SER A 203 22.42 -12.56 20.66
C SER A 203 21.24 -13.09 21.45
N TYR A 204 20.00 -12.81 21.02
CA TYR A 204 18.82 -13.25 21.75
C TYR A 204 18.23 -14.55 21.19
N SER A 205 18.92 -15.17 20.24
CA SER A 205 18.54 -16.50 19.76
C SER A 205 19.26 -17.61 20.53
N ARG A 206 20.53 -17.41 20.83
CA ARG A 206 21.32 -18.38 21.58
C ARG A 206 21.29 -18.08 23.08
N LYS A 222 -2.76 -32.10 29.05
CA LYS A 222 -3.22 -31.05 28.16
C LYS A 222 -4.48 -31.47 27.40
N SER A 223 -5.63 -30.95 27.84
CA SER A 223 -6.92 -31.34 27.28
C SER A 223 -7.16 -30.65 25.94
N LEU A 224 -8.22 -31.08 25.25
CA LEU A 224 -8.55 -30.61 23.90
C LEU A 224 -10.06 -30.47 23.80
N TRP A 225 -10.60 -29.36 24.31
CA TRP A 225 -12.05 -29.10 24.38
C TRP A 225 -12.84 -30.37 24.65
N VAL A 226 -12.31 -31.17 25.58
CA VAL A 226 -13.19 -32.03 26.35
C VAL A 226 -14.13 -31.25 27.24
N ILE A 227 -14.09 -29.93 27.18
CA ILE A 227 -14.83 -29.09 28.13
C ILE A 227 -16.15 -28.76 27.46
N ASN A 228 -17.15 -29.63 27.70
CA ASN A 228 -18.50 -29.37 27.21
C ASN A 228 -19.17 -28.47 28.25
N SER A 229 -19.00 -27.16 28.07
CA SER A 229 -19.49 -26.19 29.03
C SER A 229 -19.81 -24.88 28.30
N ALA A 230 -20.19 -23.88 29.09
CA ALA A 230 -20.47 -22.54 28.58
C ALA A 230 -19.40 -21.58 29.06
N LEU A 231 -18.97 -20.69 28.17
CA LEU A 231 -17.89 -19.77 28.50
C LEU A 231 -18.37 -18.68 29.46
N ARG A 232 -17.61 -18.47 30.52
CA ARG A 232 -17.91 -17.41 31.47
C ARG A 232 -16.61 -16.72 31.84
N ILE A 233 -16.71 -15.42 32.12
CA ILE A 233 -15.55 -14.58 32.42
C ILE A 233 -15.89 -13.64 33.56
N LYS A 234 -14.96 -13.48 34.50
CA LYS A 234 -15.17 -12.63 35.66
C LYS A 234 -14.48 -11.29 35.43
N ILE A 235 -15.25 -10.22 35.45
CA ILE A 235 -14.69 -8.87 35.47
C ILE A 235 -14.49 -8.49 36.92
N LEU A 236 -13.22 -8.31 37.32
CA LEU A 236 -12.84 -8.12 38.71
C LEU A 236 -13.01 -6.67 39.13
N CYS A 237 -12.07 -5.82 38.75
CA CYS A 237 -12.15 -4.39 39.07
C CYS A 237 -11.44 -3.62 37.95
N ALA A 238 -11.36 -2.31 38.11
CA ALA A 238 -10.68 -1.46 37.14
C ALA A 238 -9.97 -0.34 37.88
N THR A 239 -8.82 0.06 37.34
CA THR A 239 -8.03 1.13 37.91
C THR A 239 -7.77 2.22 36.88
N TYR A 240 -7.35 3.38 37.36
CA TYR A 240 -7.06 4.53 36.51
C TYR A 240 -8.31 4.99 35.75
N VAL A 241 -9.44 5.02 36.44
CA VAL A 241 -10.72 5.43 35.86
C VAL A 241 -11.06 6.82 36.36
N ASN A 242 -11.32 7.74 35.44
CA ASN A 242 -11.63 9.12 35.80
C ASN A 242 -12.60 9.80 34.84
N ILE A 251 -21.26 3.88 35.91
CA ILE A 251 -20.63 3.30 34.72
C ILE A 251 -20.63 1.77 34.79
N TYR A 252 -20.54 1.14 33.63
CA TYR A 252 -20.58 -0.32 33.54
C TYR A 252 -19.54 -0.79 32.53
N VAL A 253 -19.40 -2.11 32.42
CA VAL A 253 -18.49 -2.75 31.47
C VAL A 253 -19.34 -3.54 30.48
N ARG A 254 -19.19 -3.22 29.20
CA ARG A 254 -19.91 -3.89 28.12
C ARG A 254 -18.93 -4.83 27.42
N THR A 255 -19.27 -6.12 27.38
CA THR A 255 -18.41 -7.15 26.83
C THR A 255 -19.15 -7.93 25.75
N GLY A 256 -18.37 -8.60 24.89
CA GLY A 256 -18.93 -9.42 23.84
C GLY A 256 -17.89 -10.37 23.29
N ILE A 257 -18.39 -11.43 22.65
CA ILE A 257 -17.55 -12.42 21.99
C ILE A 257 -17.71 -12.27 20.49
N TYR A 258 -16.59 -12.11 19.78
CA TYR A 258 -16.61 -11.78 18.37
C TYR A 258 -15.67 -12.68 17.58
N HIS A 259 -15.99 -12.83 16.28
CA HIS A 259 -15.13 -13.50 15.31
C HIS A 259 -14.94 -12.49 14.17
N GLY A 260 -13.85 -11.74 14.22
CA GLY A 260 -13.68 -10.63 13.32
C GLY A 260 -14.63 -9.48 13.64
N GLY A 261 -15.61 -9.26 12.77
CA GLY A 261 -16.59 -8.22 13.02
C GLY A 261 -17.92 -8.80 13.48
N GLU A 262 -18.11 -10.10 13.31
CA GLU A 262 -19.43 -10.58 13.68
C GLU A 262 -19.45 -11.08 15.12
N PRO A 263 -20.53 -10.85 15.86
CA PRO A 263 -20.62 -11.36 17.24
C PRO A 263 -21.13 -12.78 17.31
N LEU A 264 -20.42 -13.66 18.04
CA LEU A 264 -20.83 -15.05 18.19
C LEU A 264 -21.99 -15.24 19.15
N CYS A 265 -22.43 -14.19 19.82
CA CYS A 265 -23.58 -14.24 20.72
C CYS A 265 -23.88 -12.82 21.16
N ASP A 266 -25.02 -12.66 21.81
CA ASP A 266 -25.43 -11.34 22.27
C ASP A 266 -24.44 -10.77 23.28
N ASN A 267 -24.30 -9.45 23.27
CA ASN A 267 -23.41 -8.79 24.20
C ASN A 267 -23.95 -8.87 25.63
N VAL A 268 -23.06 -8.67 26.59
CA VAL A 268 -23.36 -8.82 28.01
C VAL A 268 -22.90 -7.56 28.74
N ASN A 269 -23.86 -6.82 29.31
CA ASN A 269 -23.55 -5.68 30.15
C ASN A 269 -23.43 -6.11 31.60
N THR A 270 -22.43 -5.58 32.30
CA THR A 270 -22.27 -5.88 33.72
C THR A 270 -23.17 -4.95 34.54
N GLN A 271 -23.13 -5.13 35.85
CA GLN A 271 -23.97 -4.33 36.74
C GLN A 271 -23.47 -2.90 36.79
N ARG A 272 -24.39 -1.95 36.59
CA ARG A 272 -24.04 -0.53 36.66
C ARG A 272 -23.52 -0.20 38.05
N VAL A 273 -22.26 0.21 38.13
CA VAL A 273 -21.62 0.51 39.41
C VAL A 273 -21.15 1.96 39.42
N PRO A 274 -21.16 2.63 40.57
CA PRO A 274 -20.69 4.01 40.63
C PRO A 274 -19.20 4.10 40.35
N CYS A 275 -18.82 5.09 39.54
CA CYS A 275 -17.44 5.28 39.14
C CYS A 275 -16.50 5.50 40.32
N SER A 276 -17.03 5.78 41.51
CA SER A 276 -16.18 5.95 42.68
C SER A 276 -15.49 4.64 43.06
N ASN A 277 -16.23 3.52 42.97
CA ASN A 277 -15.72 2.19 43.32
C ASN A 277 -15.84 1.30 42.10
N PRO A 278 -14.89 1.39 41.16
CA PRO A 278 -14.96 0.56 39.94
C PRO A 278 -14.66 -0.90 40.22
N ARG A 279 -15.46 -1.53 41.08
CA ARG A 279 -15.26 -2.91 41.49
C ARG A 279 -16.55 -3.67 41.22
N TRP A 280 -16.52 -4.57 40.24
CA TRP A 280 -17.65 -5.41 39.87
C TRP A 280 -17.57 -6.81 40.45
N ASN A 281 -16.43 -7.48 40.26
CA ASN A 281 -16.25 -8.87 40.69
C ASN A 281 -17.39 -9.76 40.17
N GLU A 282 -17.89 -9.45 38.98
CA GLU A 282 -19.07 -10.12 38.46
C GLU A 282 -18.67 -11.20 37.45
N TRP A 283 -19.56 -12.17 37.27
CA TRP A 283 -19.39 -13.26 36.33
C TRP A 283 -20.36 -13.07 35.17
N LEU A 284 -19.84 -13.02 33.97
CA LEU A 284 -20.63 -12.88 32.75
C LEU A 284 -20.64 -14.23 32.02
N ASN A 285 -21.84 -14.72 31.72
CA ASN A 285 -22.04 -15.97 31.01
C ASN A 285 -22.65 -15.69 29.64
N TYR A 286 -22.12 -16.36 28.61
CA TYR A 286 -22.50 -16.10 27.24
C TYR A 286 -23.17 -17.33 26.64
N ASP A 287 -24.00 -17.10 25.62
CA ASP A 287 -24.69 -18.18 24.91
C ASP A 287 -23.76 -18.81 23.88
N ILE A 288 -22.69 -19.44 24.40
CA ILE A 288 -21.69 -20.08 23.55
C ILE A 288 -21.06 -21.26 24.29
N TYR A 289 -21.08 -22.43 23.67
CA TYR A 289 -20.39 -23.58 24.23
C TYR A 289 -18.89 -23.46 23.98
N ILE A 290 -18.10 -23.73 25.01
CA ILE A 290 -16.64 -23.56 24.91
C ILE A 290 -16.07 -24.22 23.66
N PRO A 291 -16.35 -25.49 23.38
CA PRO A 291 -15.81 -26.10 22.15
C PRO A 291 -16.37 -25.48 20.87
N ASP A 292 -17.42 -24.67 20.95
CA ASP A 292 -17.97 -24.02 19.76
C ASP A 292 -17.22 -22.75 19.38
N LEU A 293 -16.26 -22.31 20.19
CA LEU A 293 -15.51 -21.11 19.86
C LEU A 293 -14.57 -21.36 18.69
N PRO A 294 -14.66 -20.59 17.61
CA PRO A 294 -13.70 -20.75 16.53
C PRO A 294 -12.30 -20.39 16.98
N ARG A 295 -11.33 -20.76 16.16
CA ARG A 295 -9.93 -20.51 16.52
C ARG A 295 -9.69 -19.04 16.82
N ALA A 296 -10.27 -18.15 16.02
CA ALA A 296 -10.00 -16.71 16.11
C ALA A 296 -11.05 -15.97 16.94
N ALA A 297 -11.62 -16.63 17.95
CA ALA A 297 -12.60 -16.00 18.81
C ALA A 297 -11.91 -15.02 19.76
N ARG A 298 -12.45 -13.80 19.85
CA ARG A 298 -11.89 -12.74 20.67
C ARG A 298 -12.93 -12.21 21.64
N LEU A 299 -12.45 -11.66 22.75
CA LEU A 299 -13.29 -11.00 23.74
C LEU A 299 -13.08 -9.49 23.59
N CYS A 300 -14.16 -8.77 23.29
CA CYS A 300 -14.11 -7.32 23.11
C CYS A 300 -14.90 -6.66 24.23
N LEU A 301 -14.25 -5.77 24.96
CA LEU A 301 -14.89 -5.09 26.07
C LEU A 301 -14.65 -3.60 25.98
N SER A 302 -15.45 -2.87 26.74
CA SER A 302 -15.29 -1.43 26.87
C SER A 302 -15.94 -1.01 28.17
N ILE A 303 -15.58 0.18 28.63
CA ILE A 303 -16.20 0.79 29.80
C ILE A 303 -17.09 1.92 29.33
N CYS A 304 -18.36 1.89 29.73
CA CYS A 304 -19.34 2.86 29.29
C CYS A 304 -19.94 3.60 30.47
N SER A 305 -20.44 4.80 30.21
CA SER A 305 -21.07 5.64 31.23
C SER A 305 -22.51 5.91 30.85
N VAL A 306 -23.26 6.44 31.82
CA VAL A 306 -24.67 6.75 31.64
C VAL A 306 -24.96 8.16 32.15
N LYS A 307 -25.84 8.86 31.45
CA LYS A 307 -26.22 10.22 31.83
C LYS A 307 -27.45 10.21 32.72
N GLU A 314 -29.77 6.20 29.73
CA GLU A 314 -30.16 7.41 29.02
C GLU A 314 -29.18 7.72 27.90
N GLU A 315 -28.03 8.30 28.27
CA GLU A 315 -26.98 8.67 27.32
C GLU A 315 -25.75 7.80 27.58
N HIS A 316 -25.60 6.72 26.80
CA HIS A 316 -24.48 5.80 26.95
C HIS A 316 -23.31 6.26 26.08
N CYS A 317 -22.13 6.34 26.68
CA CYS A 317 -20.96 6.82 25.98
C CYS A 317 -19.77 5.91 26.30
N PRO A 318 -19.03 5.45 25.28
CA PRO A 318 -17.82 4.65 25.56
C PRO A 318 -16.69 5.53 26.08
N LEU A 319 -15.92 4.99 27.01
CA LEU A 319 -14.79 5.68 27.63
C LEU A 319 -13.44 5.09 27.24
N ALA A 320 -13.28 3.77 27.40
CA ALA A 320 -12.05 3.10 27.00
C ALA A 320 -12.38 1.68 26.60
N TRP A 321 -11.79 1.22 25.51
CA TRP A 321 -12.10 -0.09 24.94
C TRP A 321 -10.87 -1.00 25.03
N GLY A 322 -11.07 -2.27 24.70
CA GLY A 322 -10.01 -3.26 24.71
C GLY A 322 -10.43 -4.59 24.10
N ASN A 323 -9.45 -5.33 23.55
CA ASN A 323 -9.74 -6.63 22.94
C ASN A 323 -8.67 -7.63 23.34
N ILE A 324 -9.09 -8.87 23.58
CA ILE A 324 -8.23 -9.94 24.05
C ILE A 324 -8.43 -11.18 23.19
N ASN A 325 -7.33 -11.80 22.78
CA ASN A 325 -7.38 -13.09 22.11
C ASN A 325 -7.76 -14.19 23.10
N LEU A 326 -8.90 -14.86 22.86
CA LEU A 326 -9.27 -15.96 23.74
C LEU A 326 -8.22 -17.07 23.71
N PHE A 327 -7.56 -17.27 22.58
CA PHE A 327 -6.47 -18.22 22.44
C PHE A 327 -5.17 -17.47 22.18
N ASP A 328 -4.11 -17.85 22.87
CA ASP A 328 -2.81 -17.22 22.66
C ASP A 328 -2.12 -17.80 21.41
N TYR A 329 -0.90 -17.35 21.16
CA TYR A 329 -0.22 -17.75 19.93
C TYR A 329 0.19 -19.22 19.93
N THR A 330 0.19 -19.88 21.09
CA THR A 330 0.55 -21.29 21.16
C THR A 330 -0.68 -22.19 21.11
N ASP A 331 -1.84 -21.65 20.79
CA ASP A 331 -3.12 -22.35 20.69
C ASP A 331 -3.73 -22.63 22.07
N THR A 332 -3.13 -22.11 23.14
CA THR A 332 -3.64 -22.34 24.49
C THR A 332 -4.84 -21.44 24.76
N LEU A 333 -5.90 -22.03 25.30
CA LEU A 333 -7.06 -21.25 25.74
C LEU A 333 -6.71 -20.55 27.03
N VAL A 334 -6.83 -19.22 27.03
CA VAL A 334 -6.40 -18.42 28.18
C VAL A 334 -7.20 -18.81 29.42
N SER A 335 -6.51 -18.84 30.56
CA SER A 335 -7.16 -19.07 31.84
C SER A 335 -6.44 -18.27 32.92
N GLY A 336 -7.12 -18.05 34.04
CA GLY A 336 -6.52 -17.33 35.14
C GLY A 336 -6.77 -15.83 35.06
N LYS A 337 -6.00 -15.10 35.86
CA LYS A 337 -6.16 -13.66 35.95
C LYS A 337 -5.43 -12.95 34.80
N MET A 338 -5.90 -11.76 34.46
CA MET A 338 -5.36 -11.02 33.32
C MET A 338 -5.64 -9.53 33.49
N ALA A 339 -4.61 -8.71 33.35
CA ALA A 339 -4.74 -7.26 33.43
C ALA A 339 -4.62 -6.67 32.04
N LEU A 340 -5.65 -5.95 31.59
CA LEU A 340 -5.69 -5.38 30.26
C LEU A 340 -5.83 -3.87 30.38
N ASN A 341 -4.82 -3.15 29.90
CA ASN A 341 -4.91 -1.69 29.84
C ASN A 341 -5.65 -1.27 28.57
N LEU A 342 -6.67 -0.43 28.74
CA LEU A 342 -7.57 -0.09 27.64
C LEU A 342 -7.05 1.10 26.84
N TRP A 343 -7.69 1.32 25.68
CA TRP A 343 -7.30 2.32 24.70
C TRP A 343 -8.33 3.44 24.64
N PRO A 344 -7.90 4.66 24.30
CA PRO A 344 -8.87 5.74 24.09
C PRO A 344 -9.75 5.46 22.89
N VAL A 345 -10.97 5.97 22.94
CA VAL A 345 -11.94 5.64 21.88
C VAL A 345 -11.56 6.38 20.59
N PRO A 346 -11.63 5.74 19.43
CA PRO A 346 -11.41 6.48 18.18
C PRO A 346 -12.56 7.44 17.91
N HIS A 347 -12.31 8.39 17.02
CA HIS A 347 -13.34 9.36 16.68
C HIS A 347 -14.42 8.71 15.83
N GLY A 348 -15.67 9.11 16.08
CA GLY A 348 -16.80 8.60 15.32
C GLY A 348 -17.00 7.10 15.47
N LEU A 349 -17.15 6.63 16.70
CA LEU A 349 -17.41 5.22 16.97
C LEU A 349 -18.91 5.01 17.11
N GLU A 350 -19.48 4.15 16.25
CA GLU A 350 -20.91 3.89 16.24
C GLU A 350 -21.38 3.25 17.55
N ASP A 351 -20.94 2.02 17.79
CA ASP A 351 -21.41 1.25 18.94
C ASP A 351 -20.58 1.58 20.19
N LEU A 352 -20.89 0.90 21.28
CA LEU A 352 -20.15 1.00 22.53
C LEU A 352 -18.94 0.08 22.58
N LEU A 353 -18.66 -0.68 21.52
CA LEU A 353 -17.53 -1.60 21.47
C LEU A 353 -16.72 -1.36 20.20
N ASN A 354 -15.39 -1.51 20.31
CA ASN A 354 -14.50 -1.36 19.16
C ASN A 354 -13.93 -2.71 18.77
N PRO A 355 -14.72 -3.57 18.11
CA PRO A 355 -14.23 -4.92 17.83
C PRO A 355 -13.18 -4.96 16.72
N ILE A 356 -13.25 -4.07 15.72
CA ILE A 356 -12.18 -4.01 14.71
C ILE A 356 -10.91 -3.36 15.22
N GLY A 357 -10.84 -2.96 16.49
CA GLY A 357 -9.63 -2.37 17.01
C GLY A 357 -8.55 -3.40 17.29
N VAL A 358 -7.29 -2.96 17.31
CA VAL A 358 -6.17 -3.89 17.53
C VAL A 358 -6.33 -4.59 18.88
N THR A 359 -5.76 -5.78 18.98
CA THR A 359 -5.78 -6.56 20.21
C THR A 359 -4.49 -6.35 20.98
N GLY A 360 -4.59 -6.41 22.30
CA GLY A 360 -3.42 -6.27 23.14
C GLY A 360 -3.54 -5.16 24.15
N SER A 361 -2.76 -5.25 25.23
CA SER A 361 -2.81 -4.24 26.26
C SER A 361 -2.10 -2.98 25.77
N ASN A 362 -2.65 -1.82 26.18
CA ASN A 362 -2.03 -0.55 25.82
C ASN A 362 -0.62 -0.48 26.38
N PRO A 363 0.39 -0.13 25.55
CA PRO A 363 1.74 0.01 26.10
C PRO A 363 1.83 0.99 27.25
N ASN A 364 1.11 2.11 27.15
CA ASN A 364 1.03 3.09 28.22
C ASN A 364 0.22 2.49 29.35
N LYS A 365 0.91 2.00 30.39
CA LYS A 365 0.24 1.34 31.50
C LYS A 365 -0.46 2.31 32.45
N GLU A 366 -0.27 3.62 32.29
CA GLU A 366 -0.94 4.62 33.13
C GLU A 366 -2.30 4.98 32.53
N THR A 367 -3.07 3.97 32.17
CA THR A 367 -4.36 4.11 31.53
C THR A 367 -5.37 3.24 32.28
N PRO A 368 -6.64 3.23 31.88
CA PRO A 368 -7.61 2.37 32.58
C PRO A 368 -7.22 0.90 32.42
N CYS A 369 -7.08 0.23 33.56
CA CYS A 369 -6.63 -1.16 33.60
C CYS A 369 -7.77 -2.00 34.16
N LEU A 370 -8.33 -2.87 33.31
CA LEU A 370 -9.40 -3.78 33.69
C LEU A 370 -8.79 -5.12 34.05
N GLU A 371 -9.24 -5.69 35.17
CA GLU A 371 -8.81 -7.00 35.62
C GLU A 371 -9.87 -8.04 35.27
N LEU A 372 -9.41 -9.21 34.81
CA LEU A 372 -10.29 -10.26 34.33
C LEU A 372 -9.84 -11.61 34.86
N GLU A 373 -10.76 -12.56 34.86
CA GLU A 373 -10.50 -13.93 35.28
C GLU A 373 -11.18 -14.87 34.30
N PHE A 374 -10.41 -15.81 33.74
CA PHE A 374 -10.91 -16.84 32.85
C PHE A 374 -10.91 -18.18 33.58
N ASP A 375 -11.92 -18.99 33.29
CA ASP A 375 -12.04 -20.31 33.93
C ASP A 375 -10.77 -21.13 33.77
N TRP A 376 -10.47 -21.93 34.78
CA TRP A 376 -9.36 -22.88 34.72
C TRP A 376 -9.90 -24.27 35.01
N PHE A 377 -9.66 -25.19 34.09
CA PHE A 377 -10.22 -26.54 34.14
C PHE A 377 -9.12 -27.54 34.54
N SER A 378 -9.32 -28.81 34.19
CA SER A 378 -8.42 -29.88 34.59
C SER A 378 -6.96 -29.51 34.35
N SER A 379 -6.61 -29.31 33.08
CA SER A 379 -5.23 -29.01 32.72
C SER A 379 -5.24 -27.76 31.83
N VAL A 380 -4.16 -27.56 31.08
CA VAL A 380 -4.11 -26.49 30.09
C VAL A 380 -4.90 -26.92 28.85
N VAL A 381 -5.81 -26.06 28.41
CA VAL A 381 -6.64 -26.38 27.25
C VAL A 381 -5.96 -25.88 25.99
N LYS A 382 -6.06 -26.67 24.92
CA LYS A 382 -5.47 -26.33 23.63
C LYS A 382 -6.49 -26.58 22.54
N PHE A 383 -6.38 -25.80 21.46
CA PHE A 383 -7.26 -25.99 20.33
C PHE A 383 -6.89 -27.30 19.62
N PRO A 384 -7.88 -28.05 19.13
CA PRO A 384 -7.60 -29.36 18.56
C PRO A 384 -6.60 -29.27 17.42
N ASP A 385 -5.96 -30.40 17.15
CA ASP A 385 -5.11 -30.51 15.98
C ASP A 385 -5.95 -30.68 14.73
N MET A 386 -5.38 -30.30 13.58
CA MET A 386 -6.09 -30.47 12.32
C MET A 386 -6.52 -31.92 12.09
N SER A 387 -5.84 -32.88 12.70
CA SER A 387 -6.23 -34.29 12.56
C SER A 387 -7.54 -34.57 13.29
N VAL A 388 -7.66 -34.09 14.54
CA VAL A 388 -8.92 -34.20 15.26
C VAL A 388 -10.01 -33.42 14.53
N ILE A 389 -9.64 -32.32 13.88
CA ILE A 389 -10.60 -31.53 13.12
C ILE A 389 -11.15 -32.35 11.96
N GLU A 390 -10.25 -32.99 11.20
CA GLU A 390 -10.70 -33.83 10.09
C GLU A 390 -11.54 -34.99 10.58
N GLU A 391 -11.17 -35.58 11.71
CA GLU A 391 -11.96 -36.69 12.26
C GLU A 391 -13.37 -36.22 12.61
N HIS A 392 -13.49 -35.07 13.30
CA HIS A 392 -14.80 -34.58 13.70
C HIS A 392 -15.60 -34.08 12.50
N ALA A 393 -14.93 -33.63 11.44
CA ALA A 393 -15.64 -33.27 10.21
C ALA A 393 -16.20 -34.51 9.53
N ASN A 394 -15.37 -35.54 9.32
CA ASN A 394 -15.84 -36.77 8.73
C ASN A 394 -16.92 -37.42 9.57
N TRP A 395 -16.91 -37.16 10.89
CA TRP A 395 -17.97 -37.65 11.76
C TRP A 395 -19.26 -36.85 11.60
N SER A 396 -19.16 -35.52 11.69
CA SER A 396 -20.34 -34.67 11.54
C SER A 396 -20.92 -34.75 10.13
N LEU A 420 -29.70 -29.63 -5.93
CA LEU A 420 -28.73 -29.81 -7.00
C LEU A 420 -29.39 -29.73 -8.38
N ARG A 421 -29.70 -28.51 -8.81
CA ARG A 421 -30.35 -28.27 -10.10
C ARG A 421 -29.56 -27.25 -10.91
N GLU A 422 -29.71 -27.32 -12.24
CA GLU A 422 -28.97 -26.41 -13.12
C GLU A 422 -29.33 -24.96 -12.84
N ASN A 423 -30.62 -24.69 -12.57
CA ASN A 423 -31.02 -23.34 -12.19
C ASN A 423 -30.31 -22.90 -10.91
N ASP A 424 -30.21 -23.80 -9.93
CA ASP A 424 -29.50 -23.49 -8.70
C ASP A 424 -28.01 -23.28 -8.96
N LYS A 425 -27.42 -24.02 -9.91
CA LYS A 425 -26.01 -23.82 -10.22
C LYS A 425 -25.78 -22.46 -10.85
N GLU A 426 -26.62 -22.07 -11.80
CA GLU A 426 -26.53 -20.73 -12.38
C GLU A 426 -26.76 -19.66 -11.32
N GLN A 427 -27.64 -19.95 -10.34
CA GLN A 427 -27.84 -19.03 -9.23
C GLN A 427 -26.58 -18.85 -8.41
N LEU A 428 -25.90 -19.96 -8.10
CA LEU A 428 -24.63 -19.88 -7.38
C LEU A 428 -23.61 -19.07 -8.16
N LYS A 429 -23.55 -19.28 -9.48
CA LYS A 429 -22.62 -18.50 -10.30
C LYS A 429 -22.94 -17.01 -10.24
N ALA A 430 -24.22 -16.66 -10.40
CA ALA A 430 -24.62 -15.26 -10.34
C ALA A 430 -24.28 -14.66 -8.97
N ILE A 431 -24.50 -15.41 -7.90
CA ILE A 431 -24.11 -14.94 -6.57
C ILE A 431 -22.62 -14.65 -6.54
N SER A 432 -21.80 -15.59 -7.03
CA SER A 432 -20.36 -15.38 -7.04
C SER A 432 -19.98 -14.14 -7.83
N THR A 433 -20.75 -13.81 -8.88
CA THR A 433 -20.41 -12.66 -9.71
C THR A 433 -20.55 -11.34 -8.96
N ARG A 434 -21.43 -11.30 -7.94
CA ARG A 434 -21.69 -10.06 -7.25
C ARG A 434 -20.40 -9.52 -6.60
N ASP A 435 -20.49 -8.27 -6.16
CA ASP A 435 -19.36 -7.60 -5.52
C ASP A 435 -19.28 -7.97 -4.05
N PRO A 436 -18.18 -7.59 -3.38
CA PRO A 436 -18.02 -7.89 -1.95
C PRO A 436 -19.04 -7.20 -1.06
N LEU A 437 -19.19 -5.89 -1.24
CA LEU A 437 -20.08 -5.12 -0.36
C LEU A 437 -21.54 -5.52 -0.53
N SER A 438 -21.90 -6.15 -1.64
CA SER A 438 -23.26 -6.60 -1.81
C SER A 438 -23.64 -7.54 -0.68
N GLU A 439 -24.70 -7.18 0.05
CA GLU A 439 -25.15 -8.02 1.16
C GLU A 439 -25.73 -9.33 0.65
N ILE A 440 -25.51 -10.38 1.42
CA ILE A 440 -26.05 -11.71 1.13
C ILE A 440 -27.14 -12.00 2.16
N THR A 441 -28.31 -12.41 1.68
CA THR A 441 -29.45 -12.66 2.55
C THR A 441 -29.28 -13.99 3.29
N GLU A 442 -29.97 -14.10 4.42
CA GLU A 442 -29.94 -15.34 5.20
C GLU A 442 -30.36 -16.52 4.34
N GLN A 443 -31.40 -16.35 3.52
CA GLN A 443 -31.78 -17.39 2.58
C GLN A 443 -30.62 -17.75 1.67
N GLU A 444 -29.93 -16.73 1.13
CA GLU A 444 -28.77 -16.99 0.28
C GLU A 444 -27.63 -17.63 1.06
N LYS A 445 -27.46 -17.26 2.34
CA LYS A 445 -26.41 -17.89 3.14
C LYS A 445 -26.66 -19.38 3.30
N ASP A 446 -27.87 -19.76 3.73
CA ASP A 446 -28.18 -21.17 3.88
C ASP A 446 -28.18 -21.90 2.54
N PHE A 447 -28.52 -21.20 1.46
CA PHE A 447 -28.46 -21.79 0.13
C PHE A 447 -27.01 -22.11 -0.25
N LEU A 448 -26.11 -21.15 -0.07
CA LEU A 448 -24.70 -21.40 -0.33
C LEU A 448 -24.17 -22.54 0.54
N TRP A 449 -24.60 -22.58 1.81
CA TRP A 449 -24.09 -23.61 2.72
C TRP A 449 -24.58 -25.00 2.33
N SER A 450 -25.87 -25.14 2.03
CA SER A 450 -26.38 -26.43 1.58
C SER A 450 -25.71 -26.89 0.30
N HIS A 451 -25.11 -25.97 -0.47
CA HIS A 451 -24.42 -26.30 -1.71
C HIS A 451 -22.92 -26.03 -1.59
N ARG A 452 -22.35 -26.36 -0.43
CA ARG A 452 -20.96 -26.02 -0.16
C ARG A 452 -19.98 -26.91 -0.92
N HIS A 453 -20.43 -28.06 -1.40
CA HIS A 453 -19.53 -28.95 -2.15
C HIS A 453 -19.51 -28.61 -3.63
N TYR A 454 -20.63 -28.18 -4.20
CA TYR A 454 -20.61 -27.75 -5.59
C TYR A 454 -19.82 -26.47 -5.79
N CYS A 455 -19.81 -25.60 -4.77
CA CYS A 455 -19.11 -24.32 -4.89
C CYS A 455 -17.61 -24.48 -5.09
N VAL A 456 -17.08 -25.69 -4.93
CA VAL A 456 -15.66 -25.92 -5.21
C VAL A 456 -15.37 -25.91 -6.70
N THR A 457 -16.39 -25.95 -7.54
CA THR A 457 -16.20 -25.83 -8.97
C THR A 457 -16.15 -24.38 -9.43
N ILE A 458 -16.69 -23.46 -8.64
CA ILE A 458 -16.62 -22.02 -8.92
C ILE A 458 -15.83 -21.36 -7.79
N PRO A 459 -14.50 -21.45 -7.82
CA PRO A 459 -13.73 -21.06 -6.63
C PRO A 459 -13.93 -19.63 -6.17
N GLU A 460 -14.16 -18.68 -7.08
CA GLU A 460 -14.19 -17.28 -6.66
C GLU A 460 -15.31 -17.00 -5.67
N ILE A 461 -16.26 -17.92 -5.50
CA ILE A 461 -17.41 -17.68 -4.64
C ILE A 461 -17.01 -17.94 -3.20
N LEU A 462 -15.72 -18.25 -2.99
CA LEU A 462 -15.27 -18.65 -1.66
C LEU A 462 -15.51 -17.58 -0.60
N PRO A 463 -15.19 -16.30 -0.84
CA PRO A 463 -15.46 -15.28 0.18
C PRO A 463 -16.91 -15.31 0.64
N LYS A 464 -17.83 -15.16 -0.31
CA LYS A 464 -19.25 -15.21 0.01
C LYS A 464 -19.60 -16.50 0.77
N LEU A 465 -19.11 -17.65 0.29
CA LEU A 465 -19.34 -18.90 1.01
C LEU A 465 -18.85 -18.80 2.44
N LEU A 466 -17.63 -18.28 2.63
CA LEU A 466 -17.14 -18.11 4.00
C LEU A 466 -18.11 -17.27 4.82
N LEU A 467 -18.68 -16.23 4.22
CA LEU A 467 -19.61 -15.36 4.93
C LEU A 467 -20.91 -16.06 5.30
N SER A 468 -21.18 -17.23 4.73
CA SER A 468 -22.41 -17.96 4.99
C SER A 468 -22.25 -19.03 6.07
N VAL A 469 -21.12 -19.06 6.76
CA VAL A 469 -20.84 -20.07 7.78
C VAL A 469 -21.31 -19.56 9.14
N LYS A 470 -21.80 -20.47 9.98
CA LYS A 470 -22.15 -20.17 11.36
C LYS A 470 -20.91 -20.45 12.21
N TRP A 471 -20.06 -19.44 12.37
CA TRP A 471 -18.77 -19.66 13.00
C TRP A 471 -18.87 -19.99 14.49
N ASN A 472 -20.08 -20.10 15.04
CA ASN A 472 -20.27 -20.49 16.43
C ASN A 472 -20.52 -21.98 16.58
N SER A 473 -20.27 -22.78 15.55
CA SER A 473 -20.54 -24.21 15.57
C SER A 473 -19.28 -24.97 15.21
N ARG A 474 -18.79 -25.78 16.16
CA ARG A 474 -17.60 -26.60 15.93
C ARG A 474 -17.70 -27.37 14.63
N ASP A 475 -18.87 -27.91 14.33
CA ASP A 475 -19.01 -28.83 13.21
C ASP A 475 -18.86 -28.09 11.87
N GLU A 476 -19.56 -26.97 11.73
CA GLU A 476 -19.48 -26.22 10.48
C GLU A 476 -18.07 -25.67 10.27
N VAL A 477 -17.43 -25.21 11.34
CA VAL A 477 -16.06 -24.72 11.23
C VAL A 477 -15.13 -25.83 10.77
N ALA A 478 -15.27 -27.03 11.34
CA ALA A 478 -14.40 -28.13 10.91
C ALA A 478 -14.67 -28.51 9.46
N GLN A 479 -15.94 -28.50 9.04
CA GLN A 479 -16.24 -28.85 7.66
C GLN A 479 -15.69 -27.83 6.69
N MET A 480 -15.79 -26.54 7.02
CA MET A 480 -15.18 -25.51 6.20
C MET A 480 -13.66 -25.65 6.18
N TYR A 481 -13.08 -26.06 7.31
CA TYR A 481 -11.63 -26.31 7.35
C TYR A 481 -11.25 -27.38 6.33
N CYS A 482 -11.99 -28.49 6.31
CA CYS A 482 -11.72 -29.52 5.32
C CYS A 482 -11.87 -28.98 3.90
N LEU A 483 -12.96 -28.25 3.65
CA LEU A 483 -13.16 -27.68 2.31
C LEU A 483 -12.02 -26.77 1.91
N VAL A 484 -11.39 -26.10 2.87
CA VAL A 484 -10.31 -25.18 2.57
C VAL A 484 -9.01 -25.93 2.34
N LYS A 485 -8.79 -27.02 3.08
CA LYS A 485 -7.55 -27.77 2.94
C LYS A 485 -7.33 -28.24 1.51
N ASP A 486 -8.39 -28.30 0.70
CA ASP A 486 -8.28 -28.73 -0.68
C ASP A 486 -9.01 -27.78 -1.62
N TRP A 487 -9.05 -26.51 -1.28
CA TRP A 487 -9.74 -25.57 -2.15
C TRP A 487 -8.83 -25.11 -3.28
N PRO A 488 -9.33 -25.03 -4.51
CA PRO A 488 -8.49 -24.66 -5.63
C PRO A 488 -7.97 -23.23 -5.47
N PRO A 489 -6.82 -22.93 -6.04
CA PRO A 489 -6.29 -21.57 -5.92
C PRO A 489 -7.06 -20.59 -6.78
N ILE A 490 -7.13 -19.33 -6.31
CA ILE A 490 -7.80 -18.25 -7.02
C ILE A 490 -6.79 -17.14 -7.30
N LYS A 491 -7.23 -16.16 -8.10
CA LYS A 491 -6.39 -15.05 -8.48
C LYS A 491 -5.91 -14.30 -7.24
N PRO A 492 -4.78 -13.60 -7.33
CA PRO A 492 -4.34 -12.78 -6.19
C PRO A 492 -5.29 -11.65 -5.87
N GLU A 493 -5.83 -10.98 -6.89
CA GLU A 493 -6.83 -9.94 -6.66
C GLU A 493 -7.95 -10.45 -5.76
N GLN A 494 -8.42 -11.67 -6.02
CA GLN A 494 -9.51 -12.23 -5.24
C GLN A 494 -9.03 -12.82 -3.92
N ALA A 495 -7.79 -13.31 -3.87
CA ALA A 495 -7.26 -13.82 -2.61
C ALA A 495 -7.10 -12.72 -1.57
N MET A 496 -6.71 -11.52 -1.99
CA MET A 496 -6.51 -10.43 -1.03
C MET A 496 -7.79 -10.16 -0.24
N GLU A 497 -8.94 -10.15 -0.91
CA GLU A 497 -10.21 -9.93 -0.22
C GLU A 497 -10.33 -10.82 1.00
N LEU A 498 -9.82 -12.05 0.91
CA LEU A 498 -9.87 -12.97 2.04
C LEU A 498 -8.90 -12.60 3.15
N LEU A 499 -8.21 -11.46 3.05
CA LEU A 499 -7.26 -11.06 4.07
C LEU A 499 -7.70 -9.86 4.88
N ASP A 500 -8.81 -9.22 4.52
CA ASP A 500 -9.29 -8.04 5.23
C ASP A 500 -9.82 -8.46 6.60
N CYS A 501 -10.51 -7.53 7.27
CA CYS A 501 -11.00 -7.78 8.61
C CYS A 501 -12.20 -8.73 8.63
N ASN A 502 -12.79 -9.04 7.48
CA ASN A 502 -13.95 -9.92 7.44
C ASN A 502 -13.59 -11.38 7.70
N TYR A 503 -12.33 -11.76 7.54
CA TYR A 503 -11.92 -13.16 7.57
C TYR A 503 -10.73 -13.32 8.50
N PRO A 504 -10.98 -13.50 9.79
CA PRO A 504 -9.89 -13.70 10.76
C PRO A 504 -9.46 -15.15 10.96
N ASP A 505 -10.15 -16.09 10.33
CA ASP A 505 -9.86 -17.49 10.56
C ASP A 505 -8.50 -17.87 10.01
N PRO A 506 -7.60 -18.45 10.83
CA PRO A 506 -6.22 -18.69 10.35
C PRO A 506 -6.11 -19.61 9.14
N MET A 507 -7.06 -20.53 8.94
CA MET A 507 -6.97 -21.40 7.77
C MET A 507 -7.30 -20.63 6.49
N VAL A 508 -8.30 -19.76 6.54
CA VAL A 508 -8.62 -18.95 5.37
C VAL A 508 -7.47 -18.01 5.03
N ARG A 509 -6.89 -17.39 6.06
CA ARG A 509 -5.77 -16.49 5.83
C ARG A 509 -4.57 -17.24 5.27
N GLY A 510 -4.32 -18.45 5.78
CA GLY A 510 -3.27 -19.27 5.20
C GLY A 510 -3.52 -19.59 3.74
N PHE A 511 -4.78 -19.88 3.39
CA PHE A 511 -5.10 -20.14 1.99
C PHE A 511 -4.82 -18.92 1.14
N ALA A 512 -5.20 -17.73 1.62
CA ALA A 512 -4.98 -16.52 0.84
C ALA A 512 -3.49 -16.24 0.66
N VAL A 513 -2.71 -16.46 1.72
CA VAL A 513 -1.27 -16.24 1.62
C VAL A 513 -0.64 -17.24 0.66
N ARG A 514 -1.13 -18.48 0.65
CA ARG A 514 -0.64 -19.47 -0.31
C ARG A 514 -0.96 -19.05 -1.74
N CYS A 515 -2.18 -18.54 -1.95
CA CYS A 515 -2.54 -18.02 -3.27
C CYS A 515 -1.61 -16.90 -3.71
N LEU A 516 -1.33 -15.96 -2.81
CA LEU A 516 -0.37 -14.90 -3.12
C LEU A 516 1.00 -15.48 -3.45
N GLU A 517 1.48 -16.41 -2.63
CA GLU A 517 2.81 -16.97 -2.83
C GLU A 517 2.94 -17.70 -4.15
N LYS A 518 1.84 -18.27 -4.64
CA LYS A 518 1.90 -19.00 -5.90
C LYS A 518 1.59 -18.15 -7.12
N TYR A 519 0.78 -17.09 -7.00
CA TYR A 519 0.27 -16.42 -8.20
C TYR A 519 0.51 -14.92 -8.21
N LEU A 520 1.42 -14.39 -7.38
CA LEU A 520 1.64 -12.96 -7.26
C LEU A 520 3.08 -12.62 -7.65
N THR A 521 3.25 -12.02 -8.83
CA THR A 521 4.57 -11.60 -9.25
C THR A 521 5.04 -10.42 -8.40
N ASP A 522 6.36 -10.18 -8.40
CA ASP A 522 6.88 -9.10 -7.57
C ASP A 522 6.37 -7.75 -8.02
N ASP A 523 6.10 -7.60 -9.31
CA ASP A 523 5.48 -6.37 -9.82
C ASP A 523 4.14 -6.12 -9.14
N LYS A 524 3.25 -7.12 -9.17
CA LYS A 524 1.96 -6.98 -8.50
C LYS A 524 2.12 -6.85 -7.00
N LEU A 525 3.12 -7.52 -6.43
CA LEU A 525 3.36 -7.37 -4.99
C LEU A 525 3.70 -5.93 -4.64
N SER A 526 4.59 -5.31 -5.42
CA SER A 526 4.85 -3.88 -5.22
C SER A 526 3.56 -3.06 -5.40
N GLN A 527 2.80 -3.37 -6.44
CA GLN A 527 1.59 -2.62 -6.71
C GLN A 527 0.63 -2.63 -5.52
N TYR A 528 0.53 -3.76 -4.81
CA TYR A 528 -0.41 -3.84 -3.69
C TYR A 528 0.28 -3.87 -2.32
N LEU A 529 1.56 -3.49 -2.26
CA LEU A 529 2.31 -3.58 -1.01
C LEU A 529 1.66 -2.77 0.11
N ILE A 530 1.11 -1.61 -0.21
CA ILE A 530 0.55 -0.80 0.87
C ILE A 530 -0.63 -1.52 1.50
N GLN A 531 -1.54 -2.07 0.68
CA GLN A 531 -2.68 -2.81 1.23
C GLN A 531 -2.22 -4.03 2.02
N LEU A 532 -1.22 -4.76 1.50
CA LEU A 532 -0.74 -5.93 2.23
C LEU A 532 -0.18 -5.53 3.61
N VAL A 533 0.67 -4.50 3.63
CA VAL A 533 1.19 -4.01 4.91
C VAL A 533 0.05 -3.63 5.84
N GLN A 534 -1.00 -3.00 5.29
CA GLN A 534 -2.11 -2.61 6.15
C GLN A 534 -2.78 -3.83 6.77
N VAL A 535 -3.17 -4.80 5.93
CA VAL A 535 -3.87 -5.96 6.44
C VAL A 535 -3.02 -6.74 7.44
N LEU A 536 -1.69 -6.58 7.39
CA LEU A 536 -0.87 -7.07 8.49
C LEU A 536 -1.52 -6.84 9.84
N LYS A 537 -2.07 -5.64 10.06
CA LYS A 537 -2.61 -5.28 11.36
C LYS A 537 -3.75 -6.19 11.78
N TYR A 538 -4.43 -6.81 10.82
CA TYR A 538 -5.53 -7.72 11.14
C TYR A 538 -5.04 -9.10 11.57
N GLU A 539 -3.73 -9.29 11.66
CA GLU A 539 -3.20 -10.59 12.07
C GLU A 539 -3.39 -10.79 13.56
N GLN A 540 -3.91 -11.95 13.94
CA GLN A 540 -4.17 -12.23 15.35
C GLN A 540 -2.90 -12.36 16.17
N TYR A 541 -1.78 -12.73 15.55
CA TYR A 541 -0.53 -12.96 16.27
C TYR A 541 0.65 -12.33 15.54
N LEU A 542 1.70 -12.03 16.29
CA LEU A 542 2.94 -11.54 15.70
C LEU A 542 3.43 -12.50 14.62
N ASP A 543 3.56 -13.78 14.98
CA ASP A 543 4.01 -14.80 14.04
C ASP A 543 2.83 -15.32 13.24
N ASN A 544 2.92 -15.16 11.91
CA ASN A 544 1.88 -15.66 11.03
C ASN A 544 2.49 -15.84 9.65
N LEU A 545 1.71 -16.45 8.75
CA LEU A 545 2.22 -16.75 7.41
C LEU A 545 2.30 -15.48 6.56
N LEU A 546 1.34 -14.56 6.70
CA LEU A 546 1.36 -13.35 5.89
C LEU A 546 2.62 -12.53 6.15
N VAL A 547 2.93 -12.32 7.43
CA VAL A 547 4.12 -11.54 7.77
C VAL A 547 5.38 -12.26 7.27
N ARG A 548 5.44 -13.58 7.42
CA ARG A 548 6.62 -14.29 6.93
C ARG A 548 6.75 -14.17 5.41
N PHE A 549 5.63 -14.23 4.70
CA PHE A 549 5.66 -14.04 3.25
C PHE A 549 6.20 -12.67 2.89
N LEU A 550 5.60 -11.62 3.46
CA LEU A 550 6.05 -10.27 3.17
C LEU A 550 7.52 -10.09 3.52
N LEU A 551 7.93 -10.60 4.69
CA LEU A 551 9.32 -10.41 5.09
C LEU A 551 10.27 -11.10 4.14
N LYS A 552 9.93 -12.30 3.68
CA LYS A 552 10.81 -13.00 2.75
C LYS A 552 10.91 -12.25 1.44
N LYS A 553 9.78 -11.79 0.92
CA LYS A 553 9.84 -11.02 -0.32
C LYS A 553 10.65 -9.74 -0.11
N ALA A 554 10.53 -9.13 1.08
CA ALA A 554 11.26 -7.89 1.35
C ALA A 554 12.75 -8.14 1.46
N LEU A 555 13.15 -9.28 2.00
CA LEU A 555 14.55 -9.61 2.19
C LEU A 555 15.17 -10.29 0.97
N THR A 556 14.39 -10.60 -0.05
CA THR A 556 14.95 -11.13 -1.27
C THR A 556 14.82 -10.16 -2.45
N ASN A 557 14.08 -9.07 -2.31
CA ASN A 557 13.93 -8.06 -3.36
C ASN A 557 14.00 -6.67 -2.73
N GLN A 558 15.09 -5.94 -2.95
CA GLN A 558 15.31 -4.70 -2.20
C GLN A 558 14.35 -3.60 -2.62
N ARG A 559 13.91 -3.58 -3.89
CA ARG A 559 12.90 -2.62 -4.30
C ARG A 559 11.64 -2.76 -3.45
N ILE A 560 11.22 -4.01 -3.17
CA ILE A 560 10.07 -4.22 -2.31
C ILE A 560 10.42 -3.89 -0.86
N GLY A 561 11.65 -4.16 -0.45
CA GLY A 561 12.02 -3.93 0.94
C GLY A 561 12.09 -2.46 1.29
N HIS A 562 12.43 -1.63 0.32
CA HIS A 562 12.45 -0.19 0.55
C HIS A 562 11.08 0.31 1.03
N PHE A 563 10.05 0.07 0.21
CA PHE A 563 8.72 0.52 0.58
C PHE A 563 8.11 -0.30 1.69
N PHE A 564 8.53 -1.56 1.86
CA PHE A 564 8.14 -2.32 3.04
C PHE A 564 8.59 -1.59 4.31
N PHE A 565 9.90 -1.33 4.42
CA PHE A 565 10.45 -0.59 5.54
C PHE A 565 9.74 0.75 5.73
N TRP A 566 9.51 1.50 4.65
CA TRP A 566 8.97 2.85 4.83
C TRP A 566 7.49 2.83 5.21
N HIS A 567 6.69 1.98 4.58
CA HIS A 567 5.29 1.83 5.00
C HIS A 567 5.20 1.42 6.46
N LEU A 568 6.17 0.62 6.95
CA LEU A 568 6.13 0.23 8.35
C LEU A 568 6.53 1.38 9.25
N LYS A 569 7.61 2.07 8.90
CA LYS A 569 8.13 3.13 9.76
C LYS A 569 7.18 4.31 9.83
N SER A 570 6.53 4.65 8.71
CA SER A 570 5.62 5.78 8.64
C SER A 570 4.53 5.69 9.69
N GLU A 571 4.37 4.51 10.29
CA GLU A 571 3.34 4.29 11.29
C GLU A 571 3.91 4.02 12.69
N MET A 572 5.23 4.02 12.85
CA MET A 572 5.78 3.71 14.17
C MET A 572 5.26 4.66 15.25
N HIS A 573 4.72 5.81 14.86
CA HIS A 573 4.15 6.72 15.84
C HIS A 573 2.86 6.18 16.43
N ASN A 574 2.19 5.26 15.74
CA ASN A 574 0.90 4.73 16.18
C ASN A 574 1.16 3.63 17.22
N LYS A 575 0.89 3.94 18.48
CA LYS A 575 1.24 3.02 19.55
C LYS A 575 0.31 1.80 19.62
N THR A 576 -0.69 1.67 18.75
CA THR A 576 -1.42 0.40 18.69
C THR A 576 -0.73 -0.64 17.81
N VAL A 577 0.17 -0.21 16.93
CA VAL A 577 0.92 -1.13 16.08
C VAL A 577 2.43 -1.00 16.27
N SER A 578 2.88 -0.15 17.19
CA SER A 578 4.30 0.04 17.42
C SER A 578 5.03 -1.26 17.69
N GLN A 579 4.46 -2.13 18.53
CA GLN A 579 5.18 -3.36 18.88
C GLN A 579 5.34 -4.25 17.65
N ARG A 580 4.24 -4.54 16.95
CA ARG A 580 4.31 -5.43 15.80
C ARG A 580 5.27 -4.88 14.75
N PHE A 581 5.06 -3.63 14.33
CA PHE A 581 5.89 -3.06 13.28
C PHE A 581 7.33 -2.86 13.75
N GLY A 582 7.54 -2.62 15.04
CA GLY A 582 8.90 -2.44 15.53
C GLY A 582 9.69 -3.73 15.50
N LEU A 583 9.07 -4.82 15.98
CA LEU A 583 9.70 -6.12 15.88
C LEU A 583 9.97 -6.49 14.42
N LEU A 584 8.99 -6.25 13.55
CA LEU A 584 9.17 -6.56 12.14
C LEU A 584 10.34 -5.78 11.55
N LEU A 585 10.42 -4.49 11.86
CA LEU A 585 11.52 -3.67 11.35
C LEU A 585 12.84 -4.13 11.92
N GLU A 586 12.87 -4.54 13.19
CA GLU A 586 14.11 -5.04 13.75
C GLU A 586 14.62 -6.24 12.96
N SER A 587 13.75 -7.22 12.73
CA SER A 587 14.17 -8.38 11.93
C SER A 587 14.63 -7.95 10.54
N TYR A 588 13.83 -7.11 9.87
CA TYR A 588 14.15 -6.68 8.52
C TYR A 588 15.54 -6.04 8.45
N CYS A 589 15.75 -4.99 9.26
CA CYS A 589 17.03 -4.31 9.29
C CYS A 589 18.17 -5.23 9.65
N ARG A 590 17.92 -6.23 10.49
CA ARG A 590 18.98 -7.17 10.82
C ARG A 590 19.40 -7.97 9.59
N ALA A 591 18.44 -8.37 8.77
CA ALA A 591 18.71 -9.24 7.62
C ALA A 591 18.83 -8.51 6.30
N CYS A 592 18.56 -7.20 6.26
CA CYS A 592 18.44 -6.51 4.98
C CYS A 592 19.77 -6.31 4.28
N GLY A 593 20.87 -6.30 5.01
CA GLY A 593 22.16 -6.21 4.37
C GLY A 593 22.80 -4.85 4.56
N MET A 594 23.56 -4.41 3.56
CA MET A 594 24.19 -3.09 3.64
C MET A 594 23.17 -1.96 3.44
N TYR A 595 22.04 -2.26 2.80
CA TYR A 595 21.04 -1.22 2.54
C TYR A 595 20.70 -0.44 3.81
N LEU A 596 20.81 -1.08 4.98
CA LEU A 596 20.52 -0.40 6.24
C LEU A 596 21.19 0.96 6.28
N LYS A 597 22.51 0.99 6.03
CA LYS A 597 23.22 2.26 6.04
C LYS A 597 22.49 3.29 5.20
N HIS A 598 22.24 2.95 3.93
CA HIS A 598 21.49 3.83 3.05
C HIS A 598 20.19 4.28 3.70
N LEU A 599 19.38 3.32 4.16
CA LEU A 599 18.14 3.69 4.81
C LEU A 599 18.39 4.70 5.92
N ASN A 600 19.37 4.41 6.77
CA ASN A 600 19.68 5.32 7.88
C ASN A 600 19.89 6.74 7.36
N ARG A 601 20.68 6.89 6.29
CA ARG A 601 20.89 8.23 5.74
C ARG A 601 19.56 8.89 5.44
N GLN A 602 18.71 8.22 4.65
CA GLN A 602 17.38 8.74 4.37
C GLN A 602 16.71 9.20 5.65
N VAL A 603 16.68 8.32 6.66
CA VAL A 603 16.04 8.64 7.93
C VAL A 603 16.56 9.98 8.45
N GLU A 604 17.89 10.08 8.60
CA GLU A 604 18.46 11.31 9.13
C GLU A 604 18.01 12.50 8.29
N ALA A 605 18.09 12.38 6.97
CA ALA A 605 17.65 13.47 6.12
C ALA A 605 16.24 13.90 6.51
N MET A 606 15.29 12.95 6.48
CA MET A 606 13.92 13.30 6.85
C MET A 606 13.90 13.97 8.22
N GLU A 607 14.61 13.37 9.18
CA GLU A 607 14.80 13.94 10.51
C GLU A 607 15.06 15.43 10.37
N LYS A 608 16.20 15.79 9.76
CA LYS A 608 16.55 17.19 9.64
C LYS A 608 15.38 17.98 9.06
N LEU A 609 14.86 17.52 7.92
CA LEU A 609 13.75 18.24 7.29
C LEU A 609 12.65 18.50 8.31
N ILE A 610 12.17 17.43 8.95
CA ILE A 610 11.10 17.63 9.93
C ILE A 610 11.48 18.75 10.88
N ASN A 611 12.64 18.64 11.54
CA ASN A 611 13.08 19.68 12.45
C ASN A 611 12.95 21.04 11.80
N LEU A 612 13.63 21.25 10.68
CA LEU A 612 13.58 22.53 9.99
C LEU A 612 12.13 22.97 9.83
N THR A 613 11.30 22.14 9.19
CA THR A 613 9.95 22.58 8.91
C THR A 613 9.20 22.89 10.20
N ASP A 614 9.42 22.06 11.23
CA ASP A 614 8.80 22.32 12.52
C ASP A 614 9.10 23.75 12.96
N ILE A 615 10.38 24.13 12.91
CA ILE A 615 10.77 25.50 13.25
C ILE A 615 9.96 26.50 12.42
N LEU A 616 9.93 26.31 11.10
CA LEU A 616 9.22 27.26 10.25
C LEU A 616 7.75 27.38 10.61
N LYS A 617 7.16 26.32 11.15
CA LYS A 617 5.73 26.36 11.45
C LYS A 617 5.44 26.86 12.86
N GLN A 618 6.47 27.26 13.62
CA GLN A 618 6.19 27.78 14.96
C GLN A 618 7.01 29.03 15.24
N GLU A 619 8.34 28.88 15.31
CA GLU A 619 9.20 30.00 15.67
C GLU A 619 9.07 31.14 14.68
N LYS A 620 9.31 30.85 13.39
CA LYS A 620 9.18 31.83 12.33
C LYS A 620 7.83 31.75 11.61
N LYS A 621 6.79 31.28 12.32
CA LYS A 621 5.50 31.02 11.69
C LYS A 621 4.97 32.25 10.97
N ASP A 622 4.83 33.36 11.68
CA ASP A 622 4.22 34.58 11.15
C ASP A 622 5.26 35.56 10.66
N GLU A 623 6.13 35.15 9.75
CA GLU A 623 7.06 36.06 9.11
C GLU A 623 6.83 36.08 7.61
N THR A 624 7.50 36.99 6.93
CA THR A 624 7.30 37.19 5.51
C THR A 624 8.05 36.11 4.72
N GLN A 625 7.60 35.90 3.48
CA GLN A 625 8.21 34.87 2.63
C GLN A 625 9.72 35.03 2.55
N LYS A 626 10.20 36.28 2.47
CA LYS A 626 11.63 36.51 2.30
C LYS A 626 12.40 36.30 3.60
N VAL A 627 11.79 36.63 4.75
CA VAL A 627 12.46 36.39 6.02
C VAL A 627 12.53 34.89 6.32
N GLN A 628 11.42 34.17 6.10
CA GLN A 628 11.45 32.72 6.22
C GLN A 628 12.47 32.12 5.27
N MET A 629 12.56 32.69 4.06
CA MET A 629 13.51 32.17 3.09
C MET A 629 14.95 32.36 3.55
N LYS A 630 15.24 33.53 4.14
CA LYS A 630 16.55 33.77 4.70
C LYS A 630 16.85 32.78 5.82
N PHE A 631 15.88 32.53 6.70
CA PHE A 631 16.11 31.56 7.77
C PHE A 631 16.34 30.16 7.20
N LEU A 632 15.59 29.80 6.17
CA LEU A 632 15.74 28.46 5.59
C LEU A 632 17.10 28.30 4.93
N VAL A 633 17.56 29.34 4.22
CA VAL A 633 18.87 29.24 3.60
C VAL A 633 19.97 29.23 4.66
N GLU A 634 19.75 29.91 5.79
CA GLU A 634 20.73 29.89 6.87
C GLU A 634 20.84 28.49 7.48
N GLN A 635 19.71 27.96 7.96
CA GLN A 635 19.72 26.65 8.61
C GLN A 635 20.17 25.57 7.64
N MET A 636 19.61 25.58 6.44
CA MET A 636 20.00 24.65 5.39
C MET A 636 21.49 24.67 5.12
N ARG A 637 22.18 25.75 5.46
CA ARG A 637 23.61 25.86 5.21
C ARG A 637 24.46 25.40 6.39
N ARG A 638 23.84 25.02 7.50
CA ARG A 638 24.60 24.53 8.66
C ARG A 638 25.27 23.21 8.30
N PRO A 639 26.57 23.04 8.58
CA PRO A 639 27.28 21.86 8.08
C PRO A 639 26.66 20.53 8.50
N ASP A 640 26.28 20.39 9.78
CA ASP A 640 25.60 19.17 10.19
C ASP A 640 24.37 18.91 9.31
N PHE A 641 23.72 19.98 8.85
CA PHE A 641 22.53 19.80 8.02
C PHE A 641 22.89 19.43 6.58
N MET A 642 23.93 20.04 6.03
CA MET A 642 24.28 19.80 4.63
C MET A 642 24.76 18.37 4.42
N ASP A 643 25.57 17.85 5.34
CA ASP A 643 25.95 16.44 5.25
C ASP A 643 24.72 15.54 5.28
N ALA A 644 23.72 15.90 6.10
CA ALA A 644 22.58 15.02 6.26
C ALA A 644 21.69 14.99 5.02
N LEU A 645 21.62 16.08 4.27
CA LEU A 645 20.68 16.17 3.15
C LEU A 645 21.36 16.14 1.79
N GLN A 646 22.64 15.83 1.72
CA GLN A 646 23.32 15.65 0.44
C GLN A 646 23.84 14.22 0.33
N GLY A 647 23.64 13.63 -0.84
CA GLY A 647 24.15 12.30 -1.13
C GLY A 647 23.37 11.20 -0.44
N PHE A 648 22.16 10.93 -0.91
CA PHE A 648 21.41 9.78 -0.40
C PHE A 648 20.31 9.45 -1.41
N LEU A 649 19.61 8.35 -1.15
CA LEU A 649 18.66 7.85 -2.14
C LEU A 649 17.28 8.43 -1.88
N SER A 650 16.57 8.74 -2.99
CA SER A 650 15.22 9.28 -2.92
C SER A 650 14.26 8.24 -2.33
N PRO A 651 13.76 8.44 -1.12
CA PRO A 651 12.74 7.51 -0.60
C PRO A 651 11.56 7.33 -1.52
N LEU A 652 11.29 8.29 -2.40
CA LEU A 652 10.23 8.11 -3.38
C LEU A 652 10.59 7.06 -4.42
N ASN A 653 11.87 6.92 -4.73
CA ASN A 653 12.38 5.95 -5.68
C ASN A 653 13.86 5.75 -5.41
N PRO A 654 14.26 4.62 -4.81
CA PRO A 654 15.67 4.48 -4.39
C PRO A 654 16.62 4.35 -5.54
N ALA A 655 16.14 4.06 -6.76
CA ALA A 655 17.03 4.06 -7.91
C ALA A 655 17.59 5.45 -8.20
N HIS A 656 17.06 6.47 -7.52
CA HIS A 656 17.41 7.87 -7.78
C HIS A 656 18.41 8.34 -6.71
N GLN A 657 19.63 8.66 -7.14
CA GLN A 657 20.57 9.29 -6.24
C GLN A 657 20.30 10.79 -6.15
N LEU A 658 20.57 11.35 -4.96
CA LEU A 658 20.44 12.78 -4.71
C LEU A 658 21.79 13.26 -4.20
N GLY A 659 22.47 14.04 -5.03
CA GLY A 659 23.79 14.53 -4.70
C GLY A 659 23.75 15.80 -3.86
N ASN A 660 24.40 16.86 -4.32
CA ASN A 660 24.42 18.09 -3.56
C ASN A 660 23.08 18.81 -3.69
N LEU A 661 22.74 19.57 -2.64
CA LEU A 661 21.59 20.45 -2.68
C LEU A 661 21.87 21.66 -3.55
N ARG A 662 20.95 21.98 -4.45
CA ARG A 662 21.01 23.24 -5.18
C ARG A 662 20.13 24.22 -4.42
N LEU A 663 20.73 24.95 -3.47
CA LEU A 663 19.95 25.81 -2.60
C LEU A 663 19.28 26.94 -3.38
N GLU A 664 19.98 27.47 -4.38
CA GLU A 664 19.41 28.52 -5.23
C GLU A 664 18.07 28.10 -5.83
N GLU A 665 17.77 26.79 -5.85
CA GLU A 665 16.55 26.27 -6.42
C GLU A 665 15.57 25.75 -5.37
N CYS A 666 15.97 25.67 -4.11
CA CYS A 666 15.05 25.29 -3.06
C CYS A 666 14.25 26.50 -2.61
N ARG A 667 13.01 26.26 -2.21
CA ARG A 667 12.14 27.38 -1.83
C ARG A 667 10.95 26.84 -1.05
N ILE A 668 10.34 27.73 -0.27
CA ILE A 668 9.12 27.39 0.46
C ILE A 668 7.93 27.65 -0.45
N MET A 669 6.98 26.72 -0.45
CA MET A 669 6.03 26.58 -1.55
C MET A 669 4.77 27.38 -1.27
N SER A 670 4.76 28.62 -1.75
CA SER A 670 3.56 29.41 -1.53
C SER A 670 3.16 29.23 -0.07
N SER A 671 1.88 29.33 0.26
CA SER A 671 1.41 29.03 1.60
C SER A 671 0.91 27.59 1.66
N ALA A 672 0.50 27.16 2.86
CA ALA A 672 0.11 25.79 3.15
C ALA A 672 0.60 25.55 4.56
N LYS A 673 0.96 24.31 4.87
CA LYS A 673 1.77 24.00 6.03
C LYS A 673 3.25 24.32 5.81
N ARG A 674 3.57 25.25 4.89
CA ARG A 674 4.93 25.62 4.53
C ARG A 674 5.70 24.42 3.99
N PRO A 675 5.23 23.85 2.89
CA PRO A 675 5.97 22.76 2.25
C PRO A 675 7.29 23.25 1.72
N LEU A 676 8.25 22.34 1.67
CA LEU A 676 9.57 22.62 1.12
C LEU A 676 9.66 22.05 -0.29
N TRP A 677 10.13 22.86 -1.22
CA TRP A 677 10.38 22.45 -2.60
C TRP A 677 11.89 22.34 -2.75
N LEU A 678 12.41 21.12 -2.67
CA LEU A 678 13.84 20.87 -2.67
C LEU A 678 14.32 20.41 -4.04
N ASN A 679 15.59 20.67 -4.32
CA ASN A 679 16.20 20.48 -5.63
C ASN A 679 17.61 19.93 -5.46
N TRP A 680 17.88 18.72 -5.98
CA TRP A 680 19.20 18.11 -5.96
C TRP A 680 19.74 17.89 -7.37
N GLU A 681 21.05 18.05 -7.51
CA GLU A 681 21.70 17.57 -8.73
C GLU A 681 21.59 16.04 -8.78
N ASN A 682 21.53 15.50 -10.00
CA ASN A 682 21.53 14.07 -10.18
C ASN A 682 22.97 13.64 -10.48
N PRO A 683 23.63 12.95 -9.56
CA PRO A 683 25.06 12.64 -9.75
C PRO A 683 25.33 11.47 -10.69
N ASP A 684 24.33 11.00 -11.43
CA ASP A 684 24.56 9.87 -12.33
C ASP A 684 25.53 10.26 -13.43
N ILE A 685 26.41 9.33 -13.78
CA ILE A 685 27.45 9.62 -14.77
C ILE A 685 26.84 10.21 -16.04
N MET A 686 25.60 9.85 -16.37
CA MET A 686 24.88 10.31 -17.54
C MET A 686 23.53 10.88 -17.15
N SER A 687 23.54 11.77 -16.13
CA SER A 687 22.30 12.39 -15.68
C SER A 687 21.60 13.14 -16.81
N GLU A 688 22.36 13.69 -17.77
CA GLU A 688 21.77 14.53 -18.79
C GLU A 688 20.75 13.79 -19.65
N LEU A 689 20.93 12.49 -19.84
CA LEU A 689 20.04 11.71 -20.69
C LEU A 689 18.77 11.26 -20.00
N LEU A 690 18.45 11.81 -18.83
CA LEU A 690 17.21 11.48 -18.15
C LEU A 690 16.65 12.70 -17.41
N PHE A 691 17.37 13.16 -16.39
CA PHE A 691 17.09 14.45 -15.75
C PHE A 691 18.30 14.82 -14.91
N GLN A 692 18.85 16.02 -15.15
CA GLN A 692 20.04 16.43 -14.41
C GLN A 692 19.71 16.94 -13.01
N ASN A 693 18.43 17.22 -12.72
CA ASN A 693 18.01 17.75 -11.44
C ASN A 693 16.74 17.05 -11.00
N ASN A 694 16.77 16.48 -9.79
CA ASN A 694 15.57 15.90 -9.17
C ASN A 694 14.96 16.90 -8.22
N GLU A 695 13.63 16.99 -8.24
CA GLU A 695 12.89 17.91 -7.37
C GLU A 695 11.89 17.12 -6.56
N ILE A 696 11.78 17.46 -5.28
CA ILE A 696 10.82 16.79 -4.40
C ILE A 696 10.19 17.80 -3.46
N ILE A 697 8.93 17.57 -3.11
CA ILE A 697 8.24 18.41 -2.14
C ILE A 697 8.13 17.65 -0.83
N PHE A 698 8.80 18.15 0.20
CA PHE A 698 8.69 17.62 1.55
C PHE A 698 7.61 18.42 2.27
N LYS A 699 6.52 17.77 2.67
CA LYS A 699 5.43 18.46 3.32
C LYS A 699 5.23 17.89 4.72
N ASN A 700 5.42 18.75 5.72
CA ASN A 700 5.24 18.39 7.12
C ASN A 700 3.97 19.04 7.63
N GLY A 701 2.83 18.52 7.17
CA GLY A 701 1.59 19.15 7.56
C GLY A 701 0.36 18.28 7.57
N ASP A 702 0.05 17.66 6.43
CA ASP A 702 -1.19 16.93 6.27
C ASP A 702 -0.93 15.46 5.97
N ASP A 703 -1.96 14.67 6.24
CA ASP A 703 -1.97 13.24 5.95
C ASP A 703 -1.84 13.01 4.44
N LEU A 704 -0.88 12.18 4.04
CA LEU A 704 -0.68 11.85 2.64
C LEU A 704 -1.20 10.48 2.28
N ARG A 705 -1.75 9.73 3.23
CA ARG A 705 -2.22 8.38 2.93
C ARG A 705 -3.34 8.41 1.90
N GLN A 706 -4.25 9.39 2.00
CA GLN A 706 -5.30 9.52 1.00
C GLN A 706 -4.69 9.75 -0.38
N ASP A 707 -3.63 10.55 -0.45
CA ASP A 707 -2.96 10.78 -1.73
C ASP A 707 -2.29 9.50 -2.24
N MET A 708 -1.64 8.75 -1.34
CA MET A 708 -1.01 7.51 -1.76
C MET A 708 -2.04 6.55 -2.35
N LEU A 709 -3.14 6.34 -1.64
CA LEU A 709 -4.16 5.42 -2.12
C LEU A 709 -4.75 5.90 -3.43
N THR A 710 -5.00 7.20 -3.55
CA THR A 710 -5.57 7.73 -4.78
C THR A 710 -4.62 7.54 -5.95
N LEU A 711 -3.33 7.82 -5.75
CA LEU A 711 -2.40 7.70 -6.85
C LEU A 711 -2.18 6.24 -7.24
N GLN A 712 -2.18 5.33 -6.25
CA GLN A 712 -2.11 3.91 -6.57
C GLN A 712 -3.30 3.49 -7.42
N ILE A 713 -4.51 3.93 -7.04
CA ILE A 713 -5.69 3.58 -7.80
C ILE A 713 -5.63 4.17 -9.22
N ILE A 714 -5.08 5.39 -9.35
CA ILE A 714 -4.96 6.01 -10.66
C ILE A 714 -4.02 5.22 -11.55
N ARG A 715 -2.88 4.79 -11.00
CA ARG A 715 -1.96 3.96 -11.76
C ARG A 715 -2.62 2.67 -12.19
N ILE A 716 -3.42 2.06 -11.29
CA ILE A 716 -4.10 0.82 -11.62
C ILE A 716 -5.11 1.03 -12.74
N MET A 717 -5.85 2.14 -12.71
CA MET A 717 -6.79 2.45 -13.78
C MET A 717 -6.09 2.66 -15.11
N GLU A 718 -4.98 3.42 -15.11
CA GLU A 718 -4.21 3.59 -16.34
C GLU A 718 -3.74 2.24 -16.87
N ASN A 719 -3.26 1.38 -15.98
CA ASN A 719 -2.82 0.05 -16.39
C ASN A 719 -3.97 -0.74 -17.02
N ILE A 720 -5.15 -0.70 -16.41
CA ILE A 720 -6.31 -1.39 -16.98
C ILE A 720 -6.57 -0.88 -18.39
N TRP A 721 -6.67 0.44 -18.54
CA TRP A 721 -6.99 1.01 -19.84
C TRP A 721 -5.94 0.65 -20.88
N GLN A 722 -4.66 0.69 -20.52
CA GLN A 722 -3.62 0.34 -21.47
C GLN A 722 -3.73 -1.11 -21.90
N ASN A 723 -3.76 -2.03 -20.93
CA ASN A 723 -3.86 -3.45 -21.24
C ASN A 723 -5.19 -3.81 -21.92
N GLN A 724 -6.16 -2.89 -21.95
CA GLN A 724 -7.44 -3.11 -22.60
C GLN A 724 -7.54 -2.47 -23.98
N GLY A 725 -6.68 -1.51 -24.30
CA GLY A 725 -6.63 -0.93 -25.63
C GLY A 725 -7.14 0.50 -25.78
N LEU A 726 -7.18 1.30 -24.72
CA LEU A 726 -7.47 2.72 -24.84
C LEU A 726 -6.36 3.51 -24.15
N ASP A 727 -5.69 4.37 -24.92
CA ASP A 727 -4.50 5.07 -24.47
C ASP A 727 -4.93 6.36 -23.79
N LEU A 728 -5.21 6.27 -22.49
CA LEU A 728 -5.54 7.44 -21.68
C LEU A 728 -4.39 7.65 -20.71
N ARG A 729 -3.38 8.41 -21.15
CA ARG A 729 -2.19 8.60 -20.34
C ARG A 729 -2.52 9.33 -19.04
N MET A 730 -2.48 8.62 -17.92
CA MET A 730 -2.60 9.26 -16.62
C MET A 730 -1.21 9.63 -16.11
N LEU A 731 -1.16 10.14 -14.88
CA LEU A 731 0.09 10.59 -14.28
C LEU A 731 0.05 10.35 -12.78
N PRO A 732 0.19 9.09 -12.37
CA PRO A 732 0.31 8.76 -10.93
C PRO A 732 1.72 9.03 -10.42
N TYR A 733 2.00 10.30 -10.17
CA TYR A 733 3.31 10.70 -9.70
C TYR A 733 3.56 10.12 -8.29
N GLY A 734 4.81 10.21 -7.86
CA GLY A 734 5.19 9.61 -6.59
C GLY A 734 4.66 10.39 -5.40
N CYS A 735 4.25 9.65 -4.38
CA CYS A 735 3.84 10.27 -3.10
C CYS A 735 4.00 9.24 -1.99
N LEU A 736 4.86 9.53 -1.02
CA LEU A 736 5.18 8.59 0.04
C LEU A 736 4.98 9.23 1.40
N SER A 737 4.12 8.63 2.22
CA SER A 737 4.00 9.04 3.61
C SER A 737 5.12 8.38 4.41
N ILE A 738 5.97 9.19 5.05
CA ILE A 738 7.12 8.68 5.80
C ILE A 738 6.95 8.79 7.30
N GLY A 739 5.88 9.39 7.79
CA GLY A 739 5.70 9.51 9.21
C GLY A 739 4.30 9.93 9.57
N ASP A 740 4.17 10.51 10.75
CA ASP A 740 2.90 11.09 11.19
C ASP A 740 2.68 12.40 10.45
N CYS A 741 1.89 12.36 9.38
CA CYS A 741 1.55 13.53 8.58
C CYS A 741 2.77 14.17 7.93
N VAL A 742 3.87 13.46 7.82
CA VAL A 742 5.04 13.94 7.09
C VAL A 742 5.14 13.15 5.80
N GLY A 743 5.49 13.82 4.71
CA GLY A 743 5.52 13.09 3.47
C GLY A 743 6.38 13.74 2.40
N LEU A 744 6.49 13.01 1.30
CA LEU A 744 7.20 13.46 0.10
C LEU A 744 6.28 13.33 -1.10
N ILE A 745 6.51 14.22 -2.08
CA ILE A 745 5.72 14.29 -3.30
C ILE A 745 6.64 14.53 -4.49
N GLU A 746 6.53 13.69 -5.52
CA GLU A 746 7.29 13.87 -6.75
C GLU A 746 6.96 15.23 -7.36
N VAL A 747 7.92 15.78 -8.10
CA VAL A 747 7.73 17.03 -8.81
C VAL A 747 7.77 16.73 -10.29
N VAL A 748 6.62 16.88 -10.95
CA VAL A 748 6.50 16.69 -12.39
C VAL A 748 7.10 17.89 -13.10
N ARG A 749 8.19 17.68 -13.85
CA ARG A 749 8.83 18.77 -14.54
C ARG A 749 7.93 19.30 -15.66
N ASN A 750 8.08 20.60 -15.97
CA ASN A 750 7.40 21.26 -17.09
C ASN A 750 5.88 21.18 -16.95
N SER A 751 5.39 21.44 -15.74
CA SER A 751 3.97 21.37 -15.44
C SER A 751 3.53 22.62 -14.73
N HIS A 752 2.32 23.09 -15.02
CA HIS A 752 1.79 24.32 -14.46
C HIS A 752 0.31 24.15 -14.16
N THR A 753 -0.14 24.77 -13.08
CA THR A 753 -1.55 24.72 -12.76
C THR A 753 -2.35 25.58 -13.74
N ILE A 754 -3.65 25.28 -13.86
CA ILE A 754 -4.48 26.04 -14.77
C ILE A 754 -4.55 27.50 -14.35
N MET A 755 -4.52 27.75 -13.03
CA MET A 755 -4.51 29.12 -12.54
C MET A 755 -3.23 29.85 -12.97
N GLN A 756 -2.09 29.17 -12.91
CA GLN A 756 -0.86 29.76 -13.42
C GLN A 756 -0.98 30.11 -14.89
N ILE A 757 -1.64 29.23 -15.66
CA ILE A 757 -1.85 29.52 -17.08
C ILE A 757 -2.71 30.77 -17.25
N GLN A 758 -3.78 30.89 -16.47
CA GLN A 758 -4.68 32.03 -16.65
C GLN A 758 -4.05 33.33 -16.16
N CYS A 759 -3.13 33.25 -15.19
CA CYS A 759 -2.48 34.46 -14.68
C CYS A 759 -1.36 34.90 -15.60
N LYS A 760 -0.48 33.98 -15.98
CA LYS A 760 0.54 34.29 -16.97
C LYS A 760 -0.09 34.84 -18.24
N GLY A 761 -1.32 34.43 -18.55
CA GLY A 761 -2.09 34.97 -19.66
C GLY A 761 -3.08 36.05 -19.29
N GLY A 762 -3.09 36.50 -18.03
CA GLY A 762 -3.97 37.56 -17.60
C GLY A 762 -3.92 38.76 -18.53
N LEU A 763 -5.07 39.09 -19.12
CA LEU A 763 -5.17 40.20 -20.08
C LEU A 763 -4.22 41.35 -19.74
N LYS A 764 -3.84 41.44 -18.45
CA LYS A 764 -2.87 42.36 -17.89
C LYS A 764 -3.00 42.52 -16.38
N GLY A 765 -2.40 43.59 -15.86
CA GLY A 765 -2.46 43.85 -14.44
C GLY A 765 -3.87 43.97 -13.90
N ALA A 766 -4.66 44.88 -14.47
CA ALA A 766 -5.97 45.20 -13.93
C ALA A 766 -7.07 44.66 -14.85
N LEU A 767 -7.11 43.34 -14.99
CA LEU A 767 -8.08 42.69 -15.85
C LEU A 767 -8.54 41.38 -15.22
N GLN A 768 -9.61 40.84 -15.79
CA GLN A 768 -10.10 39.52 -15.44
C GLN A 768 -9.15 38.46 -15.97
N PHE A 769 -9.49 37.20 -15.72
CA PHE A 769 -8.69 36.06 -16.14
C PHE A 769 -9.65 35.07 -16.78
N ASN A 770 -9.96 35.30 -18.05
CA ASN A 770 -10.87 34.45 -18.80
C ASN A 770 -10.28 33.05 -18.96
N SER A 771 -11.16 32.11 -19.30
CA SER A 771 -10.77 30.72 -19.50
C SER A 771 -10.34 30.42 -20.93
N HIS A 772 -10.66 31.28 -21.89
CA HIS A 772 -10.40 30.96 -23.28
C HIS A 772 -8.90 30.90 -23.62
N THR A 773 -8.02 31.31 -22.71
CA THR A 773 -6.60 31.47 -23.02
C THR A 773 -5.79 30.19 -22.92
N LEU A 774 -6.33 29.11 -22.34
CA LEU A 774 -5.58 27.87 -22.22
C LEU A 774 -5.24 27.29 -23.59
N HIS A 775 -6.20 27.29 -24.51
CA HIS A 775 -5.93 26.81 -25.87
C HIS A 775 -4.82 27.63 -26.51
N GLN A 776 -4.81 28.95 -26.25
CA GLN A 776 -3.77 29.80 -26.80
C GLN A 776 -2.40 29.43 -26.22
N TRP A 777 -2.35 29.21 -24.90
CA TRP A 777 -1.10 28.83 -24.27
C TRP A 777 -0.58 27.51 -24.85
N LEU A 778 -1.47 26.54 -25.06
CA LEU A 778 -1.06 25.27 -25.64
C LEU A 778 -0.57 25.44 -27.08
N LYS A 779 -1.28 26.22 -27.88
CA LYS A 779 -0.84 26.46 -29.26
C LYS A 779 0.52 27.14 -29.29
N ASP A 780 0.77 28.03 -28.33
CA ASP A 780 2.07 28.72 -28.27
C ASP A 780 3.17 27.75 -27.85
N LYS A 781 2.88 26.86 -26.91
CA LYS A 781 3.86 25.87 -26.48
C LYS A 781 3.98 24.70 -27.45
N ASN A 782 3.01 24.50 -28.33
CA ASN A 782 3.01 23.40 -29.31
C ASN A 782 2.63 23.98 -30.67
N LYS A 783 3.63 24.45 -31.42
CA LYS A 783 3.40 25.01 -32.74
C LYS A 783 3.75 24.00 -33.81
N GLY A 784 2.98 24.03 -34.91
CA GLY A 784 3.24 23.15 -36.03
C GLY A 784 2.57 21.79 -35.91
N GLU A 785 3.20 20.77 -36.48
CA GLU A 785 2.64 19.43 -36.42
C GLU A 785 2.44 19.00 -34.97
N ILE A 786 3.24 19.53 -34.05
CA ILE A 786 3.08 19.19 -32.63
C ILE A 786 1.63 19.44 -32.20
N TYR A 787 1.04 20.54 -32.67
CA TYR A 787 -0.28 20.96 -32.23
C TYR A 787 -1.24 19.80 -32.05
N ASP A 788 -1.65 19.18 -33.16
CA ASP A 788 -2.63 18.09 -33.09
C ASP A 788 -2.24 17.09 -32.01
N ALA A 789 -1.00 16.61 -32.05
CA ALA A 789 -0.52 15.70 -31.01
C ALA A 789 -0.90 16.21 -29.63
N ALA A 790 -0.39 17.40 -29.28
CA ALA A 790 -0.71 17.98 -27.97
C ALA A 790 -2.19 17.91 -27.69
N ILE A 791 -3.02 18.41 -28.62
CA ILE A 791 -4.47 18.39 -28.38
C ILE A 791 -4.91 16.98 -28.03
N ASP A 792 -4.57 16.01 -28.87
CA ASP A 792 -4.90 14.61 -28.59
C ASP A 792 -4.53 14.26 -27.15
N LEU A 793 -3.25 14.43 -26.80
CA LEU A 793 -2.83 14.13 -25.44
C LEU A 793 -3.80 14.75 -24.45
N PHE A 794 -3.96 16.08 -24.54
CA PHE A 794 -4.81 16.79 -23.58
C PHE A 794 -6.18 16.14 -23.50
N THR A 795 -6.79 15.86 -24.64
CA THR A 795 -8.12 15.25 -24.60
C THR A 795 -8.04 13.95 -23.80
N ARG A 796 -7.21 13.01 -24.24
CA ARG A 796 -7.21 11.68 -23.64
C ARG A 796 -6.99 11.75 -22.14
N SER A 797 -5.86 12.29 -21.70
CA SER A 797 -5.62 12.46 -20.27
C SER A 797 -6.85 13.03 -19.59
N CYS A 798 -7.34 14.17 -20.09
CA CYS A 798 -8.51 14.79 -19.51
C CYS A 798 -9.64 13.77 -19.34
N ALA A 799 -10.03 13.14 -20.44
CA ALA A 799 -11.03 12.08 -20.39
C ALA A 799 -10.77 11.16 -19.20
N GLY A 800 -9.59 10.53 -19.19
CA GLY A 800 -9.24 9.61 -18.14
C GLY A 800 -9.55 10.21 -16.77
N TYR A 801 -8.93 11.35 -16.47
CA TYR A 801 -9.06 11.89 -15.12
C TYR A 801 -10.52 12.16 -14.80
N CYS A 802 -11.28 12.69 -15.77
CA CYS A 802 -12.71 12.86 -15.55
C CYS A 802 -13.32 11.60 -14.97
N VAL A 803 -13.25 10.50 -15.73
CA VAL A 803 -13.79 9.24 -15.25
C VAL A 803 -13.24 8.93 -13.86
N ALA A 804 -11.91 8.98 -13.72
CA ALA A 804 -11.30 8.73 -12.43
C ALA A 804 -12.03 9.52 -11.34
N THR A 805 -12.03 10.85 -11.49
CA THR A 805 -12.57 11.69 -10.42
C THR A 805 -14.05 11.43 -10.19
N PHE A 806 -14.80 11.04 -11.23
CA PHE A 806 -16.21 10.77 -11.00
C PHE A 806 -16.41 9.49 -10.19
N ILE A 807 -15.58 8.47 -10.44
CA ILE A 807 -15.80 7.19 -9.78
C ILE A 807 -15.41 7.29 -8.30
N LEU A 808 -14.22 7.84 -8.03
CA LEU A 808 -13.71 7.93 -6.68
C LEU A 808 -14.36 9.05 -5.86
N GLY A 809 -15.04 9.99 -6.50
CA GLY A 809 -15.61 11.12 -5.80
C GLY A 809 -14.55 11.96 -5.12
N ILE A 810 -13.60 12.48 -5.89
CA ILE A 810 -12.50 13.27 -5.35
C ILE A 810 -12.99 14.66 -4.95
N GLY A 811 -12.25 15.29 -4.03
CA GLY A 811 -12.61 16.58 -3.49
C GLY A 811 -12.79 17.69 -4.51
N ASP A 812 -13.07 18.89 -4.02
CA ASP A 812 -13.34 20.03 -4.90
C ASP A 812 -12.16 20.29 -5.84
N ARG A 813 -12.40 20.16 -7.13
CA ARG A 813 -11.41 20.54 -8.12
C ARG A 813 -11.53 22.04 -8.42
N HIS A 814 -10.45 22.62 -8.92
CA HIS A 814 -10.45 24.02 -9.34
C HIS A 814 -9.19 24.28 -10.15
N ASN A 815 -8.99 25.54 -10.53
CA ASN A 815 -7.96 25.88 -11.51
C ASN A 815 -6.56 25.61 -11.01
N SER A 816 -6.37 25.49 -9.70
CA SER A 816 -5.06 25.17 -9.13
C SER A 816 -4.97 23.74 -8.60
N ASN A 817 -6.05 22.97 -8.70
CA ASN A 817 -6.00 21.53 -8.47
C ASN A 817 -5.61 20.75 -9.72
N ILE A 818 -5.75 21.37 -10.88
CA ILE A 818 -5.47 20.73 -12.16
C ILE A 818 -4.20 21.33 -12.75
N MET A 819 -3.48 20.53 -13.51
CA MET A 819 -2.22 20.96 -14.08
C MET A 819 -2.09 20.40 -15.49
N VAL A 820 -1.28 21.07 -16.28
CA VAL A 820 -0.97 20.65 -17.64
C VAL A 820 0.52 20.81 -17.87
N LYS A 821 1.07 19.94 -18.72
CA LYS A 821 2.46 19.99 -19.10
C LYS A 821 2.59 20.67 -20.46
N ASP A 822 3.83 21.00 -20.83
CA ASP A 822 4.09 21.70 -22.08
C ASP A 822 3.67 20.90 -23.31
N ASP A 823 3.44 19.61 -23.17
CA ASP A 823 3.07 18.75 -24.29
C ASP A 823 1.59 18.42 -24.34
N GLY A 824 0.80 18.94 -23.40
CA GLY A 824 -0.64 18.76 -23.41
C GLY A 824 -1.19 17.83 -22.34
N GLN A 825 -0.34 17.11 -21.61
CA GLN A 825 -0.85 16.17 -20.62
C GLN A 825 -1.47 16.91 -19.45
N LEU A 826 -2.64 16.46 -19.03
CA LEU A 826 -3.36 17.03 -17.90
C LEU A 826 -3.42 16.01 -16.76
N PHE A 827 -3.31 16.51 -15.53
CA PHE A 827 -3.39 15.64 -14.36
C PHE A 827 -3.85 16.46 -13.16
N HIS A 828 -4.10 15.75 -12.06
CA HIS A 828 -4.60 16.36 -10.84
C HIS A 828 -3.62 16.16 -9.68
N ILE A 829 -3.76 17.03 -8.66
CA ILE A 829 -2.93 16.97 -7.46
C ILE A 829 -3.79 17.20 -6.22
N ASP A 830 -3.16 17.03 -5.05
CA ASP A 830 -3.75 17.32 -3.74
C ASP A 830 -5.18 16.79 -3.63
N PHE A 831 -5.30 15.51 -3.27
CA PHE A 831 -6.58 14.82 -3.17
C PHE A 831 -6.98 14.81 -1.70
N GLY A 832 -7.56 15.92 -1.25
CA GLY A 832 -7.95 16.05 0.14
C GLY A 832 -8.87 14.93 0.60
N HIS A 833 -10.14 14.98 0.18
CA HIS A 833 -11.13 14.02 0.62
C HIS A 833 -11.75 13.34 -0.59
N PHE A 834 -11.97 12.03 -0.48
CA PHE A 834 -12.64 11.26 -1.53
C PHE A 834 -13.80 10.48 -0.94
N LEU A 835 -14.77 10.14 -1.79
CA LEU A 835 -15.94 9.36 -1.42
C LEU A 835 -16.99 10.17 -0.65
N ASP A 836 -17.02 11.49 -0.85
CA ASP A 836 -18.02 12.34 -0.20
C ASP A 836 -18.20 13.66 -0.96
N PRO A 850 -19.31 14.49 -11.20
CA PRO A 850 -19.50 15.80 -11.82
C PRO A 850 -18.20 16.60 -11.90
N PHE A 851 -17.62 16.69 -13.09
CA PHE A 851 -16.42 17.48 -13.33
C PHE A 851 -16.79 18.65 -14.23
N VAL A 852 -16.73 19.87 -13.69
CA VAL A 852 -17.05 21.07 -14.44
C VAL A 852 -16.03 21.24 -15.54
N LEU A 853 -16.25 20.57 -16.67
CA LEU A 853 -15.43 20.80 -17.86
C LEU A 853 -15.46 22.27 -18.23
N THR A 854 -14.38 22.98 -17.96
CA THR A 854 -14.30 24.37 -18.39
C THR A 854 -14.49 24.47 -19.89
N GLN A 855 -14.95 25.66 -20.32
CA GLN A 855 -14.88 26.00 -21.73
C GLN A 855 -13.47 25.81 -22.26
N ASP A 856 -12.46 25.98 -21.40
CA ASP A 856 -11.08 25.75 -21.82
C ASP A 856 -10.88 24.31 -22.25
N PHE A 857 -11.34 23.36 -21.43
CA PHE A 857 -11.20 21.95 -21.78
C PHE A 857 -11.92 21.64 -23.09
N LEU A 858 -13.16 22.12 -23.23
CA LEU A 858 -13.96 21.79 -24.40
C LEU A 858 -13.42 22.44 -25.67
N ILE A 859 -12.82 23.64 -25.56
CA ILE A 859 -12.24 24.34 -26.70
C ILE A 859 -10.84 23.86 -27.04
N VAL A 860 -10.10 23.32 -26.06
CA VAL A 860 -8.88 22.59 -26.36
C VAL A 860 -9.21 21.31 -27.09
N ILE A 861 -10.27 20.63 -26.66
CA ILE A 861 -10.75 19.47 -27.40
C ILE A 861 -11.27 19.87 -28.78
N SER A 862 -11.63 21.14 -28.98
CA SER A 862 -12.06 21.65 -30.29
C SER A 862 -11.24 22.87 -30.72
N THR A 869 -18.48 21.81 -28.65
CA THR A 869 -19.61 21.05 -28.09
C THR A 869 -20.13 20.03 -29.10
N LYS A 870 -20.36 20.48 -30.33
CA LYS A 870 -20.91 19.62 -31.37
C LYS A 870 -19.84 19.41 -32.45
N THR A 871 -18.82 18.61 -32.10
CA THR A 871 -17.74 18.30 -33.01
C THR A 871 -17.39 16.82 -32.88
N ARG A 872 -16.86 16.25 -33.97
CA ARG A 872 -16.36 14.88 -33.92
C ARG A 872 -15.38 14.69 -32.76
N GLU A 873 -14.68 15.77 -32.39
CA GLU A 873 -13.76 15.70 -31.25
C GLU A 873 -14.49 15.36 -29.96
N PHE A 874 -15.62 16.02 -29.70
CA PHE A 874 -16.38 15.72 -28.49
C PHE A 874 -17.05 14.36 -28.57
N GLU A 875 -17.43 13.91 -29.77
CA GLU A 875 -17.94 12.55 -29.92
C GLU A 875 -16.89 11.53 -29.50
N ARG A 876 -15.68 11.65 -30.04
CA ARG A 876 -14.59 10.78 -29.62
C ARG A 876 -14.33 10.89 -28.13
N PHE A 877 -14.46 12.10 -27.58
CA PHE A 877 -14.23 12.31 -26.15
C PHE A 877 -15.25 11.54 -25.31
N GLN A 878 -16.54 11.69 -25.64
CA GLN A 878 -17.57 10.95 -24.94
C GLN A 878 -17.38 9.44 -25.09
N GLU A 879 -16.94 9.00 -26.27
CA GLU A 879 -16.69 7.57 -26.46
C GLU A 879 -15.58 7.09 -25.54
N MET A 880 -14.48 7.84 -25.48
CA MET A 880 -13.39 7.51 -24.56
C MET A 880 -13.90 7.38 -23.14
N CYS A 881 -14.67 8.38 -22.69
CA CYS A 881 -15.15 8.37 -21.32
C CYS A 881 -16.05 7.17 -21.05
N TYR A 882 -16.98 6.88 -21.97
CA TYR A 882 -17.86 5.74 -21.80
C TYR A 882 -17.06 4.45 -21.72
N LYS A 883 -16.09 4.28 -22.62
CA LYS A 883 -15.30 3.06 -22.63
C LYS A 883 -14.50 2.92 -21.34
N ALA A 884 -13.96 4.03 -20.83
CA ALA A 884 -13.17 3.95 -19.60
C ALA A 884 -14.05 3.66 -18.40
N TYR A 885 -15.24 4.27 -18.33
CA TYR A 885 -16.17 3.96 -17.26
C TYR A 885 -16.52 2.47 -17.27
N LEU A 886 -16.82 1.94 -18.45
CA LEU A 886 -17.10 0.52 -18.57
C LEU A 886 -15.91 -0.31 -18.10
N ALA A 887 -14.71 0.02 -18.57
CA ALA A 887 -13.52 -0.76 -18.21
C ALA A 887 -13.32 -0.80 -16.70
N ILE A 888 -13.51 0.34 -16.03
CA ILE A 888 -13.31 0.35 -14.58
C ILE A 888 -14.47 -0.35 -13.88
N ARG A 889 -15.64 -0.40 -14.51
CA ARG A 889 -16.76 -1.10 -13.88
C ARG A 889 -16.52 -2.62 -13.85
N GLN A 890 -15.75 -3.15 -14.81
CA GLN A 890 -15.51 -4.59 -14.87
C GLN A 890 -14.58 -5.07 -13.77
N HIS A 891 -13.81 -4.17 -13.16
CA HIS A 891 -12.88 -4.50 -12.09
C HIS A 891 -13.35 -3.90 -10.77
N ALA A 892 -14.66 -3.66 -10.63
CA ALA A 892 -15.18 -3.08 -9.40
C ALA A 892 -14.73 -3.87 -8.18
N ASN A 893 -14.71 -5.21 -8.28
CA ASN A 893 -14.33 -6.03 -7.14
C ASN A 893 -12.94 -5.68 -6.64
N LEU A 894 -11.99 -5.44 -7.56
CA LEU A 894 -10.63 -5.13 -7.15
C LEU A 894 -10.55 -3.85 -6.35
N PHE A 895 -11.20 -2.78 -6.83
CA PHE A 895 -11.13 -1.51 -6.11
C PHE A 895 -11.89 -1.58 -4.78
N ILE A 896 -13.06 -2.21 -4.78
CA ILE A 896 -13.78 -2.41 -3.52
C ILE A 896 -12.92 -3.15 -2.51
N ASN A 897 -12.21 -4.20 -2.94
CA ASN A 897 -11.35 -4.94 -2.02
C ASN A 897 -10.18 -4.09 -1.55
N LEU A 898 -9.57 -3.31 -2.46
CA LEU A 898 -8.47 -2.43 -2.06
C LEU A 898 -8.91 -1.47 -0.97
N PHE A 899 -10.07 -0.85 -1.15
CA PHE A 899 -10.57 0.05 -0.11
C PHE A 899 -10.87 -0.71 1.18
N SER A 900 -11.53 -1.86 1.09
CA SER A 900 -11.83 -2.64 2.28
C SER A 900 -10.58 -2.93 3.08
N MET A 901 -9.50 -3.27 2.39
CA MET A 901 -8.24 -3.53 3.08
C MET A 901 -7.69 -2.26 3.70
N MET A 902 -7.82 -1.13 3.02
CA MET A 902 -7.32 0.12 3.57
C MET A 902 -8.12 0.59 4.79
N LEU A 903 -9.35 0.10 4.94
CA LEU A 903 -10.17 0.48 6.09
C LEU A 903 -9.39 0.41 7.39
N GLY A 904 -8.48 -0.55 7.52
CA GLY A 904 -7.74 -0.71 8.77
C GLY A 904 -6.96 0.53 9.16
N SER A 905 -6.39 1.22 8.18
CA SER A 905 -5.67 2.45 8.45
C SER A 905 -6.60 3.47 9.09
N GLY A 906 -6.00 4.42 9.80
CA GLY A 906 -6.78 5.42 10.51
C GLY A 906 -7.32 6.49 9.58
N MET A 907 -7.16 6.29 8.29
CA MET A 907 -7.54 7.28 7.30
C MET A 907 -8.94 7.79 7.57
N PRO A 908 -9.12 9.10 7.72
CA PRO A 908 -10.45 9.61 8.11
C PRO A 908 -11.50 9.37 7.04
N GLU A 909 -11.21 9.74 5.78
CA GLU A 909 -12.18 9.58 4.70
C GLU A 909 -12.56 8.11 4.47
N LEU A 910 -12.17 7.15 5.33
CA LEU A 910 -12.36 5.72 5.08
C LEU A 910 -12.48 5.02 6.44
N GLN A 911 -13.62 5.24 7.12
CA GLN A 911 -13.82 4.71 8.46
C GLN A 911 -14.78 3.52 8.51
N SER A 912 -15.73 3.42 7.56
CA SER A 912 -16.70 2.34 7.59
C SER A 912 -17.06 1.96 6.15
N PHE A 913 -17.64 0.77 6.00
CA PHE A 913 -18.09 0.32 4.69
C PHE A 913 -19.07 1.30 4.06
N ASP A 914 -19.67 2.19 4.86
CA ASP A 914 -20.57 3.20 4.31
C ASP A 914 -19.83 4.19 3.41
N ASP A 915 -18.56 4.48 3.71
CA ASP A 915 -17.78 5.33 2.82
C ASP A 915 -17.44 4.62 1.51
N ILE A 916 -17.15 3.32 1.59
CA ILE A 916 -16.85 2.56 0.38
C ILE A 916 -18.08 2.45 -0.51
N ALA A 917 -19.26 2.28 0.09
CA ALA A 917 -20.49 2.15 -0.68
C ALA A 917 -20.63 3.20 -1.77
N TYR A 918 -19.96 4.35 -1.62
CA TYR A 918 -20.03 5.37 -2.65
C TYR A 918 -19.56 4.83 -4.00
N ILE A 919 -18.56 3.95 -3.98
CA ILE A 919 -18.06 3.38 -5.23
C ILE A 919 -19.10 2.43 -5.82
N ARG A 920 -19.68 1.57 -4.98
CA ARG A 920 -20.77 0.73 -5.45
C ARG A 920 -21.87 1.58 -6.08
N LYS A 921 -22.05 2.80 -5.58
CA LYS A 921 -23.06 3.69 -6.16
C LYS A 921 -22.62 4.21 -7.53
N THR A 922 -21.42 4.77 -7.62
CA THR A 922 -21.02 5.45 -8.85
C THR A 922 -20.74 4.48 -9.99
N LEU A 923 -20.40 3.22 -9.68
CA LEU A 923 -20.16 2.22 -10.71
C LEU A 923 -21.40 1.40 -11.03
N ALA A 924 -22.54 1.71 -10.43
CA ALA A 924 -23.81 1.06 -10.72
C ALA A 924 -23.67 -0.46 -10.71
N LEU A 925 -23.26 -0.97 -9.55
CA LEU A 925 -23.04 -2.41 -9.42
C LEU A 925 -24.37 -3.16 -9.40
N ASP A 926 -25.37 -2.63 -8.70
CA ASP A 926 -26.66 -3.31 -8.64
C ASP A 926 -27.42 -3.26 -9.95
N LYS A 927 -27.04 -2.37 -10.86
CA LYS A 927 -27.69 -2.27 -12.15
C LYS A 927 -26.95 -3.10 -13.20
N THR A 928 -27.49 -3.11 -14.42
CA THR A 928 -26.89 -3.86 -15.51
C THR A 928 -25.86 -2.98 -16.23
N GLU A 929 -25.29 -3.53 -17.30
CA GLU A 929 -24.26 -2.79 -18.05
C GLU A 929 -24.88 -1.62 -18.81
N GLN A 930 -25.94 -1.87 -19.59
CA GLN A 930 -26.59 -0.79 -20.31
C GLN A 930 -27.17 0.24 -19.34
N GLU A 931 -27.72 -0.23 -18.22
CA GLU A 931 -28.24 0.69 -17.21
C GLU A 931 -27.13 1.60 -16.70
N ALA A 932 -25.96 1.04 -16.40
CA ALA A 932 -24.87 1.84 -15.87
C ALA A 932 -24.33 2.80 -16.94
N LEU A 933 -24.33 2.37 -18.21
CA LEU A 933 -23.89 3.25 -19.28
C LEU A 933 -24.81 4.45 -19.41
N GLU A 934 -26.13 4.21 -19.39
CA GLU A 934 -27.08 5.31 -19.42
C GLU A 934 -26.91 6.21 -18.20
N TYR A 935 -26.70 5.62 -17.03
CA TYR A 935 -26.49 6.40 -15.82
C TYR A 935 -25.30 7.33 -15.97
N PHE A 936 -24.18 6.81 -16.47
CA PHE A 936 -22.99 7.64 -16.61
C PHE A 936 -23.18 8.70 -17.68
N MET A 937 -23.83 8.35 -18.79
CA MET A 937 -24.13 9.35 -19.81
C MET A 937 -24.92 10.50 -19.21
N LYS A 938 -25.96 10.17 -18.42
CA LYS A 938 -26.81 11.21 -17.84
C LYS A 938 -26.04 12.04 -16.81
N GLN A 939 -25.20 11.39 -16.00
CA GLN A 939 -24.39 12.14 -15.05
C GLN A 939 -23.40 13.06 -15.77
N MET A 940 -22.96 12.67 -16.96
CA MET A 940 -22.00 13.46 -17.72
C MET A 940 -22.68 14.57 -18.53
N ASN A 941 -23.96 14.44 -18.82
CA ASN A 941 -24.66 15.53 -19.50
C ASN A 941 -24.77 16.76 -18.61
N ASP A 942 -25.04 16.56 -17.32
CA ASP A 942 -25.13 17.68 -16.38
C ASP A 942 -23.84 18.49 -16.38
C10 RNX B . 0.59 18.87 -3.55
N12 RNX B . 1.08 20.89 -4.87
C13 RNX B . 1.62 21.53 -5.88
C15 RNX B . 0.30 23.75 -5.48
C21 RNX B . 0.19 29.43 -7.52
C22 RNX B . -0.13 30.63 -8.39
C24 RNX B . 0.48 32.99 -8.93
C26 RNX B . -1.50 34.65 -8.50
C28 RNX B . -1.84 35.28 -11.00
C02 RNX B . -0.50 17.66 -1.43
C04 RNX B . 0.63 19.45 -2.28
C05 RNX B . 1.33 20.79 -2.15
C09 RNX B . -0.03 17.62 -3.69
C11 RNX B . 1.22 19.57 -4.77
C16 RNX B . 0.64 25.21 -5.26
C18 RNX B . 0.45 26.72 -7.27
C19 RNX B . -0.84 27.38 -6.75
C23 RNX B . 0.97 31.62 -8.46
C27 RNX B . -1.08 35.51 -9.70
C30 RNX B . -1.03 32.52 -7.06
C31 RNX B . -1.35 31.20 -7.78
C33 RNX B . 2.30 25.11 -6.94
C34 RNX B . 2.04 23.65 -7.20
C36 RNX B . 2.41 19.55 -6.71
C38 RNX B . 2.53 17.58 -8.28
C39 RNX B . 3.53 16.82 -9.14
C41 RNX B . 4.42 18.81 -9.91
C42 RNX B . 3.56 19.55 -8.89
C43 RNX B . 4.47 20.69 -8.42
F06 RNX B . 1.99 21.11 -0.96
F07 RNX B . 0.47 21.79 -2.47
N01 RNX B . -1.09 17.01 -0.26
N03 RNX B . 0.08 18.84 -1.23
N08 RNX B . -0.55 17.08 -2.60
N14 RNX B . 1.50 22.98 -5.97
N17 RNX B . 1.12 25.72 -6.49
N25 RNX B . -0.72 33.47 -8.17
N35 RNX B . 2.28 20.86 -6.79
N37 RNX B . 3.13 18.80 -7.72
N44 RNX B . 1.87 18.90 -5.69
O20 RNX B . -0.99 28.68 -7.27
O29 RNX B . -2.44 34.95 -7.85
O32 RNX B . 0.97 27.00 -8.30
O40 RNX B . 3.98 17.54 -10.23
H151 RNX B . -0.41 23.68 -6.14
H152 RNX B . -0.01 23.36 -4.64
H212 RNX B . 0.83 28.86 -7.99
H211 RNX B . 0.57 29.72 -6.68
H221 RNX B . -0.25 30.33 -9.32
H242 RNX B . 1.19 33.64 -8.81
H241 RNX B . 0.25 32.94 -9.88
H282 RNX B . -1.37 35.72 -11.73
H281 RNX B . -2.73 35.65 -10.93
H051 RNX B . 2.06 20.69 -2.77
H091 RNX B . -0.07 17.19 -4.52
H162 RNX B . 1.32 25.30 -4.58
H161 RNX B . -0.15 25.71 -4.99
H191 RNX B . -1.60 26.85 -7.02
H192 RNX B . -0.81 27.43 -5.78
H231 RNX B . 1.65 31.30 -9.09
H232 RNX B . 1.37 31.72 -7.58
H272 RNX B . -1.19 36.44 -9.45
H302 RNX B . -0.27 32.42 -6.47
H301 RNX B . -1.79 32.82 -6.55
H311 RNX B . -2.01 31.37 -8.46
H312 RNX B . -1.71 30.57 -7.13
H331 RNX B . 3.00 25.21 -6.28
H332 RNX B . 2.59 25.55 -7.77
H342 RNX B . 1.39 23.56 -7.92
H341 RNX B . 2.86 23.21 -7.47
H382 RNX B . 2.23 17.01 -7.55
H381 RNX B . 1.76 17.82 -8.82
H391 RNX B . 3.11 16.00 -9.45
H392 RNX B . 4.30 16.58 -8.58
H411 RNX B . 4.44 19.33 -10.72
H412 RNX B . 5.31 18.73 -9.55
H421 RNX B . 2.74 19.85 -9.31
H431 RNX B . 4.85 20.47 -7.56
H432 RNX B . 3.96 21.51 -8.36
H433 RNX B . 5.19 20.82 -9.06
H012 RNX B . -1.60 16.32 -0.36
H011 RNX B . -0.94 17.34 0.52
#